data_1T91
#
_entry.id   1T91
#
_cell.length_a   56.695
_cell.length_b   56.777
_cell.length_c   74.510
_cell.angle_alpha   71.51
_cell.angle_beta   71.72
_cell.angle_gamma   77.75
#
_symmetry.space_group_name_H-M   'P 1'
#
loop_
_entity.id
_entity.type
_entity.pdbx_description
1 polymer 'Ras-related protein Rab-7'
2 non-polymer 'MAGNESIUM ION'
3 non-polymer "GUANOSINE-5'-TRIPHOSPHATE"
4 water water
#
_entity_poly.entity_id   1
_entity_poly.type   'polypeptide(L)'
_entity_poly.pdbx_seq_one_letter_code
;MTSRKKVLLKVIILGDSGVGKTSLMNQYVNKKFSNQYKATIGADFLTKEVMVDDRLVTMQIWDTAGLERFQSLGVAFYRG
ADCCVLVFDVTAPNTFKTLDSWRDEFLIQASPRDPENFPFVVLGNKIDLENRQVATKRAQAWCYSKNNIPYFETSAKEAI
NVEQAFQTIARNALKQETEVELYNEFPEPIKLDKNDRAKASAESCSC
;
_entity_poly.pdbx_strand_id   A,B,C,D
#
loop_
_chem_comp.id
_chem_comp.type
_chem_comp.name
_chem_comp.formula
GTP non-polymer GUANOSINE-5'-TRIPHOSPHATE 'C10 H16 N5 O14 P3'
MG non-polymer 'MAGNESIUM ION' 'Mg 2'
#
# COMPACT_ATOMS: atom_id res chain seq x y z
N VAL A 7 -18.65 -0.86 39.92
CA VAL A 7 -18.62 -0.45 38.48
C VAL A 7 -18.29 1.04 38.32
N LEU A 8 -17.01 1.32 38.02
CA LEU A 8 -16.57 2.70 37.83
C LEU A 8 -16.45 3.03 36.34
N LEU A 9 -17.27 3.97 35.87
CA LEU A 9 -17.24 4.37 34.47
C LEU A 9 -16.38 5.61 34.27
N LYS A 10 -15.33 5.50 33.48
CA LYS A 10 -14.46 6.65 33.24
C LYS A 10 -14.88 7.38 31.96
N VAL A 11 -15.19 8.66 32.10
CA VAL A 11 -15.61 9.48 30.98
C VAL A 11 -14.63 10.64 30.82
N ILE A 12 -14.17 10.88 29.60
CA ILE A 12 -13.23 11.98 29.35
C ILE A 12 -13.90 13.06 28.50
N ILE A 13 -13.84 14.31 28.97
CA ILE A 13 -14.43 15.42 28.22
C ILE A 13 -13.33 16.23 27.55
N LEU A 14 -13.39 16.34 26.23
CA LEU A 14 -12.40 17.07 25.44
C LEU A 14 -13.05 18.17 24.60
N GLY A 15 -12.25 19.16 24.22
CA GLY A 15 -12.75 20.26 23.41
C GLY A 15 -11.95 21.52 23.64
N ASP A 16 -12.06 22.47 22.71
CA ASP A 16 -11.32 23.74 22.82
C ASP A 16 -11.64 24.54 24.07
N SER A 17 -10.76 25.48 24.38
CA SER A 17 -10.93 26.33 25.54
C SER A 17 -12.18 27.20 25.36
N GLY A 18 -12.96 27.33 26.43
CA GLY A 18 -14.15 28.16 26.39
C GLY A 18 -15.45 27.55 25.88
N VAL A 19 -15.41 26.33 25.35
CA VAL A 19 -16.64 25.73 24.84
C VAL A 19 -17.63 25.36 25.94
N GLY A 20 -17.16 25.28 27.17
CA GLY A 20 -18.06 24.96 28.27
C GLY A 20 -17.94 23.57 28.88
N LYS A 21 -16.80 22.91 28.70
CA LYS A 21 -16.60 21.57 29.28
C LYS A 21 -16.83 21.59 30.80
N THR A 22 -16.13 22.46 31.49
CA THR A 22 -16.28 22.55 32.94
C THR A 22 -17.71 22.91 33.36
N SER A 23 -18.35 23.84 32.64
CA SER A 23 -19.72 24.22 32.98
C SER A 23 -20.67 23.04 32.87
N LEU A 24 -20.51 22.28 31.78
CA LEU A 24 -21.34 21.12 31.56
C LEU A 24 -21.18 20.09 32.68
N MET A 25 -19.94 19.84 33.10
CA MET A 25 -19.70 18.86 34.16
C MET A 25 -20.28 19.34 35.48
N ASN A 26 -20.07 20.61 35.83
CA ASN A 26 -20.59 21.15 37.08
C ASN A 26 -22.12 21.19 37.07
N GLN A 27 -22.70 21.50 35.92
CA GLN A 27 -24.16 21.54 35.83
C GLN A 27 -24.72 20.14 36.09
N TYR A 28 -24.11 19.16 35.45
CA TYR A 28 -24.53 17.76 35.60
C TYR A 28 -24.26 17.16 36.98
N VAL A 29 -23.08 17.43 37.54
CA VAL A 29 -22.73 16.89 38.84
C VAL A 29 -23.25 17.68 40.03
N ASN A 30 -23.18 19.01 39.95
CA ASN A 30 -23.61 19.85 41.07
C ASN A 30 -24.79 20.79 40.82
N LYS A 31 -25.42 20.71 39.65
CA LYS A 31 -26.56 21.57 39.34
C LYS A 31 -26.16 23.03 39.53
N LYS A 32 -24.93 23.36 39.18
CA LYS A 32 -24.44 24.72 39.35
C LYS A 32 -23.76 25.28 38.11
N PHE A 33 -24.06 26.55 37.81
CA PHE A 33 -23.47 27.24 36.67
C PHE A 33 -22.92 28.59 37.11
N SER A 34 -21.85 29.02 36.47
CA SER A 34 -21.24 30.30 36.79
C SER A 34 -20.79 31.00 35.52
N ASN A 35 -21.21 32.25 35.33
CA ASN A 35 -20.80 32.98 34.14
C ASN A 35 -19.34 33.38 34.21
N GLN A 36 -18.77 33.32 35.41
CA GLN A 36 -17.36 33.67 35.61
C GLN A 36 -16.46 32.55 35.08
N TYR A 37 -15.55 32.90 34.18
CA TYR A 37 -14.64 31.94 33.58
C TYR A 37 -13.37 31.68 34.39
N LYS A 38 -13.10 30.41 34.65
CA LYS A 38 -11.91 29.98 35.37
C LYS A 38 -11.31 28.86 34.54
N ALA A 39 -10.25 29.17 33.81
CA ALA A 39 -9.60 28.19 32.95
C ALA A 39 -9.18 26.94 33.69
N THR A 40 -9.42 25.79 33.07
CA THR A 40 -9.04 24.52 33.66
C THR A 40 -7.57 24.24 33.37
N ILE A 41 -6.84 23.83 34.40
CA ILE A 41 -5.42 23.51 34.25
C ILE A 41 -5.22 22.02 34.47
N GLY A 42 -4.66 21.35 33.47
CA GLY A 42 -4.43 19.92 33.58
C GLY A 42 -5.71 19.12 33.39
N ALA A 43 -5.83 18.03 34.13
CA ALA A 43 -6.99 17.17 34.04
C ALA A 43 -7.26 16.59 35.41
N ASP A 44 -8.53 16.50 35.77
CA ASP A 44 -8.93 15.95 37.06
C ASP A 44 -10.37 15.49 36.90
N PHE A 45 -10.86 14.76 37.89
CA PHE A 45 -12.22 14.25 37.81
C PHE A 45 -13.13 14.55 38.99
N LEU A 46 -14.42 14.45 38.71
CA LEU A 46 -15.47 14.64 39.69
C LEU A 46 -16.23 13.33 39.58
N THR A 47 -16.82 12.88 40.66
CA THR A 47 -17.57 11.63 40.63
C THR A 47 -19.05 11.84 40.88
N LYS A 48 -19.87 11.00 40.27
CA LYS A 48 -21.31 11.07 40.45
C LYS A 48 -21.89 9.68 40.33
N GLU A 49 -22.53 9.22 41.39
CA GLU A 49 -23.16 7.91 41.38
C GLU A 49 -24.48 8.08 40.65
N VAL A 50 -24.74 7.21 39.68
CA VAL A 50 -25.97 7.30 38.92
C VAL A 50 -26.54 5.94 38.56
N MET A 51 -27.80 5.95 38.14
CA MET A 51 -28.49 4.73 37.76
C MET A 51 -28.58 4.64 36.23
N VAL A 52 -27.94 3.63 35.68
CA VAL A 52 -27.95 3.40 34.24
C VAL A 52 -28.93 2.26 34.00
N ASP A 53 -30.13 2.61 33.53
CA ASP A 53 -31.17 1.62 33.27
C ASP A 53 -31.31 0.70 34.48
N ASP A 54 -31.68 1.30 35.61
CA ASP A 54 -31.87 0.57 36.86
C ASP A 54 -30.61 -0.18 37.31
N ARG A 55 -29.47 0.45 37.19
CA ARG A 55 -28.18 -0.10 37.59
C ARG A 55 -27.27 0.99 38.14
N LEU A 56 -26.76 0.80 39.35
CA LEU A 56 -25.91 1.82 39.95
C LEU A 56 -24.48 1.72 39.49
N VAL A 57 -23.91 2.88 39.14
CA VAL A 57 -22.52 2.94 38.69
C VAL A 57 -21.90 4.25 39.15
N THR A 58 -20.59 4.25 39.28
CA THR A 58 -19.87 5.44 39.68
C THR A 58 -19.27 6.08 38.44
N MET A 59 -19.85 7.21 38.02
CA MET A 59 -19.37 7.95 36.86
C MET A 59 -18.18 8.82 37.24
N GLN A 60 -17.01 8.52 36.70
CA GLN A 60 -15.82 9.31 36.97
C GLN A 60 -15.64 10.23 35.77
N ILE A 61 -16.04 11.48 35.93
CA ILE A 61 -15.98 12.44 34.84
C ILE A 61 -14.72 13.29 34.86
N TRP A 62 -13.89 13.13 33.83
CA TRP A 62 -12.65 13.86 33.72
C TRP A 62 -12.78 15.14 32.88
N ASP A 63 -12.48 16.26 33.53
CA ASP A 63 -12.49 17.57 32.91
C ASP A 63 -11.03 17.83 32.52
N THR A 64 -10.82 18.38 31.34
CA THR A 64 -9.46 18.64 30.85
C THR A 64 -9.25 20.09 30.42
N ALA A 65 -7.98 20.46 30.24
CA ALA A 65 -7.63 21.81 29.83
C ALA A 65 -7.80 21.94 28.31
N GLY A 66 -8.56 22.95 27.88
CA GLY A 66 -8.75 23.16 26.47
C GLY A 66 -7.55 23.89 25.88
N LEU A 67 -6.93 24.74 26.69
CA LEU A 67 -5.75 25.50 26.28
C LEU A 67 -4.51 24.62 26.34
N GLU A 68 -3.77 24.54 25.24
CA GLU A 68 -2.56 23.73 25.19
C GLU A 68 -1.56 24.17 26.25
N ARG A 69 -1.57 25.45 26.59
CA ARG A 69 -0.66 26.01 27.59
C ARG A 69 -0.90 25.40 28.97
N PHE A 70 -2.16 25.05 29.27
CA PHE A 70 -2.48 24.47 30.57
C PHE A 70 -2.64 22.95 30.51
N GLN A 71 -2.32 22.35 29.37
CA GLN A 71 -2.43 20.90 29.24
C GLN A 71 -1.24 20.21 29.90
N SER A 72 -1.53 19.22 30.74
CA SER A 72 -0.49 18.47 31.44
C SER A 72 0.15 17.42 30.53
N LEU A 73 1.34 16.97 30.92
CA LEU A 73 2.03 15.96 30.14
C LEU A 73 1.54 14.58 30.58
N GLY A 74 1.00 14.52 31.80
CA GLY A 74 0.48 13.26 32.29
C GLY A 74 -0.73 12.89 31.46
N VAL A 75 -0.66 11.74 30.80
CA VAL A 75 -1.75 11.29 29.93
C VAL A 75 -2.22 9.87 30.27
N ALA A 76 -1.79 9.37 31.42
CA ALA A 76 -2.16 8.02 31.82
C ALA A 76 -3.64 7.84 32.10
N PHE A 77 -4.33 8.92 32.46
CA PHE A 77 -5.74 8.85 32.79
C PHE A 77 -6.64 8.45 31.61
N TYR A 78 -6.10 8.55 30.40
CA TYR A 78 -6.87 8.21 29.19
C TYR A 78 -7.19 6.73 28.94
N ARG A 79 -6.14 5.93 28.85
CA ARG A 79 -6.21 4.51 28.56
C ARG A 79 -7.39 3.63 28.97
N GLY A 80 -7.93 3.80 30.17
CA GLY A 80 -9.05 2.95 30.54
C GLY A 80 -10.41 3.59 30.32
N ALA A 81 -10.42 4.71 29.60
CA ALA A 81 -11.66 5.43 29.33
C ALA A 81 -12.77 4.57 28.72
N ASP A 82 -14.01 4.81 29.15
CA ASP A 82 -15.17 4.08 28.66
C ASP A 82 -15.99 4.92 27.68
N CYS A 83 -15.77 6.22 27.68
CA CYS A 83 -16.47 7.10 26.75
C CYS A 83 -15.74 8.42 26.63
N CYS A 84 -15.73 8.97 25.42
CA CYS A 84 -15.08 10.25 25.19
C CYS A 84 -16.13 11.26 24.75
N VAL A 85 -16.22 12.38 25.46
CA VAL A 85 -17.18 13.42 25.14
C VAL A 85 -16.44 14.54 24.43
N LEU A 86 -16.91 14.89 23.23
CA LEU A 86 -16.29 15.96 22.44
C LEU A 86 -17.24 17.14 22.49
N VAL A 87 -16.75 18.28 22.96
CA VAL A 87 -17.57 19.47 23.07
C VAL A 87 -17.13 20.61 22.17
N PHE A 88 -18.08 21.30 21.57
CA PHE A 88 -17.76 22.45 20.76
C PHE A 88 -18.77 23.56 21.07
N ASP A 89 -18.43 24.79 20.68
CA ASP A 89 -19.27 25.95 20.94
C ASP A 89 -20.03 26.30 19.66
N VAL A 90 -21.34 26.10 19.71
CA VAL A 90 -22.24 26.35 18.60
C VAL A 90 -22.11 27.77 18.02
N THR A 91 -21.59 28.71 18.81
CA THR A 91 -21.42 30.07 18.33
C THR A 91 -20.02 30.32 17.79
N ALA A 92 -19.17 29.30 17.85
CA ALA A 92 -17.79 29.45 17.36
C ALA A 92 -17.33 28.32 16.46
N PRO A 93 -17.54 28.48 15.13
CA PRO A 93 -17.16 27.47 14.14
C PRO A 93 -15.75 26.90 14.30
N ASN A 94 -14.81 27.72 14.78
CA ASN A 94 -13.44 27.23 14.97
C ASN A 94 -13.39 26.01 15.89
N THR A 95 -14.19 26.05 16.95
CA THR A 95 -14.21 24.96 17.91
C THR A 95 -14.84 23.68 17.34
N PHE A 96 -15.63 23.83 16.27
CA PHE A 96 -16.25 22.67 15.62
C PHE A 96 -15.26 22.01 14.67
N LYS A 97 -14.45 22.83 14.00
CA LYS A 97 -13.47 22.32 13.04
C LYS A 97 -12.31 21.57 13.70
N THR A 98 -12.16 21.70 15.01
CA THR A 98 -11.07 21.03 15.68
C THR A 98 -11.47 19.65 16.20
N LEU A 99 -12.74 19.30 16.06
CA LEU A 99 -13.23 18.01 16.57
C LEU A 99 -12.44 16.80 16.09
N ASP A 100 -12.07 16.75 14.81
CA ASP A 100 -11.29 15.60 14.35
C ASP A 100 -9.96 15.50 15.09
N SER A 101 -9.33 16.65 15.36
CA SER A 101 -8.05 16.62 16.07
C SER A 101 -8.26 16.11 17.49
N TRP A 102 -9.37 16.53 18.12
CA TRP A 102 -9.66 16.08 19.48
C TRP A 102 -9.97 14.57 19.48
N ARG A 103 -10.75 14.12 18.50
CA ARG A 103 -11.08 12.71 18.39
C ARG A 103 -9.80 11.88 18.22
N ASP A 104 -8.93 12.33 17.33
CA ASP A 104 -7.68 11.64 17.08
C ASP A 104 -6.77 11.62 18.29
N GLU A 105 -6.72 12.72 19.04
CA GLU A 105 -5.90 12.79 20.24
C GLU A 105 -6.41 11.74 21.23
N PHE A 106 -7.73 11.62 21.35
CA PHE A 106 -8.27 10.64 22.27
C PHE A 106 -7.83 9.24 21.85
N LEU A 107 -8.05 8.89 20.59
CA LEU A 107 -7.67 7.57 20.10
C LEU A 107 -6.21 7.27 20.35
N ILE A 108 -5.34 8.22 20.06
CA ILE A 108 -3.91 8.04 20.27
C ILE A 108 -3.54 7.81 21.74
N GLN A 109 -4.07 8.63 22.64
CA GLN A 109 -3.77 8.51 24.05
C GLN A 109 -4.42 7.32 24.75
N ALA A 110 -5.65 7.00 24.37
CA ALA A 110 -6.37 5.87 24.99
C ALA A 110 -6.09 4.53 24.32
N SER A 111 -5.71 4.57 23.05
CA SER A 111 -5.42 3.35 22.30
C SER A 111 -6.50 2.30 22.48
N PRO A 112 -7.76 2.66 22.23
CA PRO A 112 -8.83 1.67 22.40
C PRO A 112 -8.72 0.62 21.32
N ARG A 113 -9.21 -0.58 21.62
CA ARG A 113 -9.24 -1.66 20.63
C ARG A 113 -10.52 -1.39 19.86
N ASP A 114 -10.55 -1.69 18.57
CA ASP A 114 -11.76 -1.44 17.77
C ASP A 114 -12.15 0.05 17.88
N PRO A 115 -11.24 0.93 17.43
CA PRO A 115 -11.43 2.39 17.46
C PRO A 115 -12.75 2.88 16.90
N GLU A 116 -13.14 2.35 15.74
CA GLU A 116 -14.38 2.78 15.10
C GLU A 116 -15.65 2.56 15.89
N ASN A 117 -15.61 1.65 16.86
CA ASN A 117 -16.78 1.39 17.67
C ASN A 117 -16.68 1.93 19.09
N PHE A 118 -15.59 2.63 19.41
CA PHE A 118 -15.46 3.18 20.76
C PHE A 118 -16.50 4.29 20.93
N PRO A 119 -17.11 4.41 22.11
CA PRO A 119 -18.13 5.42 22.36
C PRO A 119 -17.70 6.89 22.41
N PHE A 120 -18.17 7.66 21.44
CA PHE A 120 -17.91 9.10 21.44
C PHE A 120 -19.29 9.71 21.49
N VAL A 121 -19.41 10.87 22.14
CA VAL A 121 -20.67 11.60 22.20
C VAL A 121 -20.28 13.05 21.97
N VAL A 122 -20.97 13.69 21.04
CA VAL A 122 -20.67 15.08 20.70
C VAL A 122 -21.70 16.03 21.27
N LEU A 123 -21.24 17.12 21.87
CA LEU A 123 -22.13 18.11 22.45
C LEU A 123 -21.92 19.48 21.81
N GLY A 124 -22.97 20.03 21.21
CA GLY A 124 -22.91 21.36 20.63
C GLY A 124 -23.48 22.21 21.75
N ASN A 125 -22.60 22.90 22.48
CA ASN A 125 -22.99 23.70 23.63
C ASN A 125 -23.25 25.19 23.36
N LYS A 126 -23.87 25.83 24.34
CA LYS A 126 -24.21 27.25 24.30
C LYS A 126 -25.34 27.59 23.33
N ILE A 127 -26.32 26.70 23.20
CA ILE A 127 -27.44 26.92 22.30
C ILE A 127 -28.33 28.08 22.75
N ASP A 128 -28.18 28.48 24.02
CA ASP A 128 -28.97 29.58 24.59
C ASP A 128 -28.59 30.93 24.02
N LEU A 129 -27.42 31.02 23.41
CA LEU A 129 -26.96 32.28 22.82
C LEU A 129 -27.61 32.51 21.46
N GLU A 130 -27.93 33.77 21.17
CA GLU A 130 -28.58 34.08 19.91
C GLU A 130 -27.71 34.04 18.66
N ASN A 131 -26.42 34.29 18.82
CA ASN A 131 -25.50 34.30 17.68
C ASN A 131 -24.95 32.93 17.28
N ARG A 132 -25.83 31.95 17.13
CA ARG A 132 -25.40 30.61 16.72
C ARG A 132 -24.78 30.67 15.33
N GLN A 133 -23.71 29.90 15.12
CA GLN A 133 -23.04 29.90 13.82
C GLN A 133 -22.79 28.53 13.19
N VAL A 134 -22.98 27.45 13.95
CA VAL A 134 -22.76 26.12 13.40
C VAL A 134 -24.12 25.46 13.25
N ALA A 135 -24.48 25.12 12.01
CA ALA A 135 -25.76 24.52 11.72
C ALA A 135 -25.88 23.10 12.27
N THR A 136 -27.07 22.76 12.74
CA THR A 136 -27.32 21.43 13.28
C THR A 136 -27.01 20.37 12.22
N LYS A 137 -27.45 20.61 10.98
CA LYS A 137 -27.22 19.67 9.89
C LYS A 137 -25.72 19.41 9.67
N ARG A 138 -24.92 20.47 9.75
CA ARG A 138 -23.48 20.35 9.56
C ARG A 138 -22.88 19.46 10.66
N ALA A 139 -23.28 19.72 11.90
CA ALA A 139 -22.80 18.94 13.04
C ALA A 139 -23.25 17.48 12.95
N GLN A 140 -24.49 17.24 12.56
CA GLN A 140 -25.01 15.88 12.45
C GLN A 140 -24.28 15.11 11.35
N ALA A 141 -23.93 15.82 10.27
CA ALA A 141 -23.22 15.19 9.16
C ALA A 141 -21.84 14.71 9.61
N TRP A 142 -21.13 15.55 10.37
CA TRP A 142 -19.82 15.15 10.86
C TRP A 142 -19.96 13.92 11.76
N CYS A 143 -20.90 14.00 12.70
CA CYS A 143 -21.14 12.90 13.63
C CYS A 143 -21.47 11.62 12.87
N TYR A 144 -22.22 11.76 11.78
CA TYR A 144 -22.56 10.59 11.00
C TYR A 144 -21.31 10.03 10.32
N SER A 145 -20.48 10.94 9.78
CA SER A 145 -19.24 10.54 9.10
C SER A 145 -18.34 9.75 10.02
N LYS A 146 -18.48 9.98 11.31
CA LYS A 146 -17.69 9.20 12.25
C LYS A 146 -18.46 7.89 12.14
N ASN A 147 -18.48 7.05 13.15
CA ASN A 147 -19.26 5.83 12.93
C ASN A 147 -20.63 6.05 13.54
N ASN A 148 -21.31 7.10 13.07
CA ASN A 148 -22.64 7.45 13.56
C ASN A 148 -22.66 7.67 15.07
N ILE A 149 -21.89 8.63 15.56
CA ILE A 149 -21.87 8.89 16.99
C ILE A 149 -22.97 9.86 17.40
N PRO A 150 -23.60 9.64 18.56
CA PRO A 150 -24.67 10.50 19.05
C PRO A 150 -24.30 11.97 19.24
N TYR A 151 -25.24 12.84 18.87
CA TYR A 151 -25.06 14.28 18.95
C TYR A 151 -26.14 14.96 19.75
N PHE A 152 -25.74 15.80 20.69
CA PHE A 152 -26.69 16.55 21.53
C PHE A 152 -26.36 18.03 21.52
N GLU A 153 -27.39 18.88 21.41
CA GLU A 153 -27.19 20.32 21.43
C GLU A 153 -27.54 20.65 22.87
N THR A 154 -26.64 21.34 23.56
CA THR A 154 -26.86 21.64 24.96
C THR A 154 -26.65 23.09 25.33
N SER A 155 -27.00 23.38 26.58
CA SER A 155 -26.82 24.68 27.20
C SER A 155 -26.52 24.41 28.66
N ALA A 156 -25.26 24.60 29.05
CA ALA A 156 -24.87 24.39 30.44
C ALA A 156 -25.50 25.50 31.28
N LYS A 157 -25.59 26.70 30.71
CA LYS A 157 -26.16 27.84 31.40
C LYS A 157 -27.65 27.70 31.71
N GLU A 158 -28.43 27.23 30.74
CA GLU A 158 -29.87 27.06 30.93
C GLU A 158 -30.22 25.63 31.30
N ALA A 159 -29.20 24.79 31.48
CA ALA A 159 -29.43 23.39 31.83
C ALA A 159 -30.35 22.73 30.81
N ILE A 160 -30.04 22.90 29.54
CA ILE A 160 -30.83 22.32 28.47
C ILE A 160 -30.13 21.09 27.89
N ASN A 161 -30.82 19.96 27.93
CA ASN A 161 -30.30 18.71 27.38
C ASN A 161 -29.07 18.13 28.07
N VAL A 162 -28.72 18.65 29.24
CA VAL A 162 -27.54 18.14 29.95
C VAL A 162 -27.77 16.74 30.53
N GLU A 163 -28.85 16.57 31.28
CA GLU A 163 -29.16 15.28 31.87
C GLU A 163 -29.39 14.23 30.78
N GLN A 164 -30.09 14.63 29.72
CA GLN A 164 -30.37 13.73 28.62
C GLN A 164 -29.07 13.28 27.96
N ALA A 165 -28.19 14.24 27.67
CA ALA A 165 -26.91 13.90 27.04
C ALA A 165 -26.08 12.97 27.90
N PHE A 166 -25.97 13.27 29.19
CA PHE A 166 -25.20 12.41 30.07
C PHE A 166 -25.84 11.05 30.30
N GLN A 167 -27.13 10.93 30.03
CA GLN A 167 -27.80 9.65 30.19
C GLN A 167 -27.26 8.70 29.12
N THR A 168 -27.08 9.22 27.91
CA THR A 168 -26.55 8.44 26.81
C THR A 168 -25.07 8.17 27.05
N ILE A 169 -24.37 9.17 27.57
CA ILE A 169 -22.95 9.03 27.84
C ILE A 169 -22.78 7.90 28.85
N ALA A 170 -23.57 7.91 29.91
CA ALA A 170 -23.48 6.88 30.94
C ALA A 170 -23.87 5.50 30.39
N ARG A 171 -24.91 5.46 29.58
CA ARG A 171 -25.37 4.20 29.02
C ARG A 171 -24.30 3.60 28.11
N ASN A 172 -23.77 4.41 27.20
CA ASN A 172 -22.75 3.94 26.28
C ASN A 172 -21.43 3.63 26.97
N ALA A 173 -21.14 4.34 28.05
CA ALA A 173 -19.90 4.07 28.78
C ALA A 173 -20.02 2.69 29.43
N LEU A 174 -21.19 2.42 30.00
CA LEU A 174 -21.43 1.14 30.66
C LEU A 174 -21.26 -0.02 29.66
N LYS A 175 -21.82 0.14 28.47
CA LYS A 175 -21.71 -0.88 27.43
C LYS A 175 -20.25 -1.15 27.13
N GLN A 176 -19.48 -0.09 26.92
CA GLN A 176 -18.05 -0.20 26.64
C GLN A 176 -17.33 -0.88 27.79
N GLU A 177 -17.65 -0.47 29.01
CA GLU A 177 -17.02 -1.01 30.20
C GLU A 177 -17.27 -2.52 30.25
N THR A 178 -18.52 -2.89 30.04
CA THR A 178 -18.93 -4.29 30.04
C THR A 178 -18.15 -5.08 29.01
N GLU A 179 -18.09 -4.58 27.78
CA GLU A 179 -17.37 -5.26 26.71
C GLU A 179 -15.89 -5.49 27.04
N VAL A 180 -15.28 -4.52 27.71
CA VAL A 180 -13.87 -4.60 28.08
C VAL A 180 -13.60 -5.74 29.06
N GLU A 181 -14.33 -5.76 30.18
CA GLU A 181 -14.15 -6.81 31.17
C GLU A 181 -14.37 -8.18 30.55
N LEU A 182 -15.18 -8.22 29.49
CA LEU A 182 -15.46 -9.47 28.80
C LEU A 182 -14.32 -9.81 27.84
N VAL B 7 6.54 -29.77 -1.05
CA VAL B 7 5.07 -29.56 -0.96
C VAL B 7 4.29 -30.81 -1.39
N LEU B 8 3.85 -31.59 -0.41
CA LEU B 8 3.10 -32.81 -0.68
C LEU B 8 1.60 -32.55 -0.51
N LEU B 9 0.83 -32.74 -1.57
CA LEU B 9 -0.61 -32.54 -1.52
C LEU B 9 -1.33 -33.88 -1.39
N LYS B 10 -2.09 -34.06 -0.31
CA LYS B 10 -2.81 -35.31 -0.10
C LYS B 10 -4.26 -35.21 -0.60
N VAL B 11 -4.59 -36.04 -1.58
CA VAL B 11 -5.93 -36.05 -2.15
C VAL B 11 -6.58 -37.41 -1.86
N ILE B 12 -7.82 -37.40 -1.40
CA ILE B 12 -8.52 -38.63 -1.09
C ILE B 12 -9.70 -38.79 -2.03
N ILE B 13 -9.77 -39.93 -2.71
CA ILE B 13 -10.86 -40.22 -3.64
C ILE B 13 -11.85 -41.19 -2.99
N LEU B 14 -13.11 -40.78 -2.91
CA LEU B 14 -14.17 -41.57 -2.31
C LEU B 14 -15.36 -41.77 -3.26
N GLY B 15 -16.14 -42.82 -3.01
CA GLY B 15 -17.30 -43.10 -3.86
C GLY B 15 -17.62 -44.58 -3.87
N ASP B 16 -18.84 -44.93 -4.30
CA ASP B 16 -19.26 -46.32 -4.33
C ASP B 16 -18.42 -47.21 -5.22
N SER B 17 -18.52 -48.51 -4.99
CA SER B 17 -17.79 -49.49 -5.78
C SER B 17 -18.23 -49.45 -7.24
N GLY B 18 -17.26 -49.48 -8.13
CA GLY B 18 -17.55 -49.49 -9.56
C GLY B 18 -17.75 -48.16 -10.27
N VAL B 19 -17.72 -47.04 -9.53
CA VAL B 19 -17.91 -45.75 -10.18
C VAL B 19 -16.71 -45.34 -11.02
N GLY B 20 -15.56 -45.96 -10.76
CA GLY B 20 -14.37 -45.68 -11.53
C GLY B 20 -13.27 -44.90 -10.84
N LYS B 21 -13.23 -44.94 -9.51
CA LYS B 21 -12.20 -44.22 -8.77
C LYS B 21 -10.81 -44.63 -9.21
N THR B 22 -10.54 -45.94 -9.21
CA THR B 22 -9.24 -46.45 -9.60
C THR B 22 -8.91 -46.13 -11.07
N SER B 23 -9.90 -46.23 -11.95
CA SER B 23 -9.66 -45.93 -13.37
C SER B 23 -9.24 -44.49 -13.57
N LEU B 24 -9.93 -43.58 -12.90
CA LEU B 24 -9.63 -42.17 -12.97
C LEU B 24 -8.21 -41.89 -12.48
N MET B 25 -7.83 -42.47 -11.34
CA MET B 25 -6.49 -42.26 -10.82
C MET B 25 -5.44 -42.79 -11.79
N ASN B 26 -5.64 -44.00 -12.30
CA ASN B 26 -4.69 -44.60 -13.24
C ASN B 26 -4.61 -43.83 -14.54
N GLN B 27 -5.75 -43.34 -15.03
CA GLN B 27 -5.76 -42.56 -16.26
C GLN B 27 -4.94 -41.29 -16.08
N TYR B 28 -5.16 -40.63 -14.95
CA TYR B 28 -4.46 -39.39 -14.62
C TYR B 28 -2.97 -39.56 -14.33
N VAL B 29 -2.62 -40.59 -13.58
CA VAL B 29 -1.22 -40.81 -13.22
C VAL B 29 -0.42 -41.56 -14.28
N ASN B 30 -1.01 -42.60 -14.85
CA ASN B 30 -0.31 -43.43 -15.83
C ASN B 30 -0.85 -43.42 -17.26
N LYS B 31 -1.86 -42.62 -17.54
CA LYS B 31 -2.42 -42.57 -18.89
C LYS B 31 -2.83 -43.98 -19.33
N LYS B 32 -3.36 -44.77 -18.40
CA LYS B 32 -3.77 -46.13 -18.71
C LYS B 32 -5.18 -46.45 -18.21
N PHE B 33 -5.93 -47.18 -19.02
CA PHE B 33 -7.28 -47.59 -18.69
C PHE B 33 -7.44 -49.06 -19.01
N SER B 34 -8.21 -49.76 -18.19
CA SER B 34 -8.45 -51.19 -18.39
C SER B 34 -9.93 -51.48 -18.13
N ASN B 35 -10.57 -52.17 -19.08
CA ASN B 35 -11.99 -52.51 -18.91
C ASN B 35 -12.16 -53.62 -17.90
N GLN B 36 -11.08 -54.31 -17.57
CA GLN B 36 -11.14 -55.40 -16.61
C GLN B 36 -11.24 -54.82 -15.20
N TYR B 37 -12.25 -55.26 -14.45
CA TYR B 37 -12.46 -54.77 -13.11
C TYR B 37 -11.69 -55.55 -12.04
N LYS B 38 -10.95 -54.81 -11.21
CA LYS B 38 -10.19 -55.38 -10.10
C LYS B 38 -10.54 -54.52 -8.90
N ALA B 39 -11.43 -55.02 -8.03
CA ALA B 39 -11.86 -54.29 -6.84
C ALA B 39 -10.71 -53.86 -5.95
N THR B 40 -10.78 -52.61 -5.48
CA THR B 40 -9.77 -52.07 -4.61
C THR B 40 -9.99 -52.54 -3.18
N ILE B 41 -8.91 -52.98 -2.53
CA ILE B 41 -9.00 -53.43 -1.15
C ILE B 41 -8.21 -52.45 -0.29
N GLY B 42 -8.85 -51.89 0.73
CA GLY B 42 -8.20 -50.95 1.60
C GLY B 42 -8.02 -49.59 0.95
N ALA B 43 -6.94 -48.92 1.32
CA ALA B 43 -6.62 -47.60 0.77
C ALA B 43 -5.13 -47.52 0.62
N ASP B 44 -4.69 -46.92 -0.47
CA ASP B 44 -3.27 -46.75 -0.75
C ASP B 44 -3.16 -45.60 -1.72
N PHE B 45 -1.94 -45.15 -1.97
CA PHE B 45 -1.74 -44.00 -2.84
C PHE B 45 -0.75 -44.20 -3.98
N LEU B 46 -0.86 -43.31 -4.95
CA LEU B 46 0.00 -43.26 -6.11
C LEU B 46 0.46 -41.79 -6.09
N THR B 47 1.68 -41.54 -6.53
CA THR B 47 2.20 -40.18 -6.51
C THR B 47 2.44 -39.64 -7.91
N LYS B 48 2.24 -38.34 -8.07
CA LYS B 48 2.46 -37.68 -9.35
C LYS B 48 2.95 -36.26 -9.12
N GLU B 49 4.14 -35.97 -9.62
CA GLU B 49 4.69 -34.63 -9.49
C GLU B 49 4.00 -33.79 -10.56
N VAL B 50 3.50 -32.63 -10.19
CA VAL B 50 2.82 -31.77 -11.15
C VAL B 50 3.06 -30.29 -10.90
N MET B 51 2.71 -29.48 -11.89
CA MET B 51 2.88 -28.04 -11.79
C MET B 51 1.52 -27.38 -11.57
N VAL B 52 1.38 -26.73 -10.41
CA VAL B 52 0.15 -26.04 -10.09
C VAL B 52 0.43 -24.55 -10.30
N ASP B 53 -0.08 -24.02 -11.41
CA ASP B 53 0.12 -22.62 -11.75
C ASP B 53 1.61 -22.27 -11.62
N ASP B 54 2.44 -22.95 -12.41
CA ASP B 54 3.88 -22.76 -12.41
C ASP B 54 4.52 -23.01 -11.03
N ARG B 55 4.09 -24.04 -10.37
CA ARG B 55 4.60 -24.45 -9.07
C ARG B 55 4.64 -25.97 -8.94
N LEU B 56 5.79 -26.52 -8.61
CA LEU B 56 5.92 -27.97 -8.51
C LEU B 56 5.44 -28.49 -7.16
N VAL B 57 4.64 -29.56 -7.21
CA VAL B 57 4.11 -30.17 -6.00
C VAL B 57 3.98 -31.67 -6.20
N THR B 58 4.03 -32.42 -5.11
CA THR B 58 3.89 -33.86 -5.17
C THR B 58 2.46 -34.21 -4.78
N MET B 59 1.68 -34.64 -5.76
CA MET B 59 0.29 -35.02 -5.56
C MET B 59 0.22 -36.46 -5.07
N GLN B 60 -0.22 -36.66 -3.83
CA GLN B 60 -0.36 -38.00 -3.27
C GLN B 60 -1.85 -38.34 -3.37
N ILE B 61 -2.17 -39.20 -4.33
CA ILE B 61 -3.57 -39.57 -4.58
C ILE B 61 -3.96 -40.89 -3.95
N TRP B 62 -4.86 -40.81 -2.98
CA TRP B 62 -5.32 -42.00 -2.28
C TRP B 62 -6.58 -42.60 -2.87
N ASP B 63 -6.44 -43.85 -3.30
CA ASP B 63 -7.53 -44.63 -3.87
C ASP B 63 -8.08 -45.44 -2.71
N THR B 64 -9.40 -45.57 -2.62
CA THR B 64 -10.02 -46.31 -1.53
C THR B 64 -10.99 -47.38 -1.98
N ALA B 65 -11.34 -48.28 -1.07
CA ALA B 65 -12.28 -49.35 -1.39
C ALA B 65 -13.71 -48.85 -1.35
N GLY B 66 -14.44 -49.02 -2.44
CA GLY B 66 -15.83 -48.60 -2.48
C GLY B 66 -16.70 -49.57 -1.72
N LEU B 67 -16.35 -50.85 -1.77
CA LEU B 67 -17.11 -51.90 -1.08
C LEU B 67 -16.74 -51.93 0.39
N GLU B 68 -17.75 -51.84 1.25
CA GLU B 68 -17.55 -51.85 2.69
C GLU B 68 -16.79 -53.10 3.13
N ARG B 69 -17.00 -54.19 2.40
CA ARG B 69 -16.34 -55.46 2.72
C ARG B 69 -14.82 -55.38 2.58
N PHE B 70 -14.35 -54.53 1.68
CA PHE B 70 -12.91 -54.38 1.47
C PHE B 70 -12.34 -53.13 2.13
N GLN B 71 -13.16 -52.41 2.88
CA GLN B 71 -12.71 -51.20 3.57
C GLN B 71 -11.91 -51.55 4.81
N SER B 72 -10.75 -50.94 4.93
CA SER B 72 -9.87 -51.17 6.07
C SER B 72 -10.33 -50.36 7.28
N LEU B 73 -9.85 -50.75 8.46
CA LEU B 73 -10.21 -50.05 9.69
C LEU B 73 -9.23 -48.89 9.89
N GLY B 74 -8.06 -49.01 9.27
CA GLY B 74 -7.06 -47.96 9.36
C GLY B 74 -7.63 -46.73 8.67
N VAL B 75 -7.76 -45.64 9.41
CA VAL B 75 -8.32 -44.41 8.87
C VAL B 75 -7.42 -43.20 9.14
N ALA B 76 -6.18 -43.45 9.55
CA ALA B 76 -5.23 -42.38 9.84
C ALA B 76 -4.81 -41.57 8.61
N PHE B 77 -4.88 -42.19 7.43
CA PHE B 77 -4.50 -41.50 6.21
C PHE B 77 -5.36 -40.29 5.85
N TYR B 78 -6.53 -40.19 6.48
CA TYR B 78 -7.46 -39.09 6.22
C TYR B 78 -7.07 -37.69 6.72
N ARG B 79 -6.94 -37.57 8.03
CA ARG B 79 -6.67 -36.32 8.73
C ARG B 79 -5.89 -35.16 8.09
N GLY B 80 -4.81 -35.43 7.38
CA GLY B 80 -4.06 -34.33 6.78
C GLY B 80 -4.46 -34.06 5.34
N ALA B 81 -5.58 -34.63 4.91
CA ALA B 81 -6.05 -34.45 3.53
C ALA B 81 -6.20 -32.97 3.14
N ASP B 82 -5.83 -32.66 1.90
CA ASP B 82 -5.94 -31.30 1.36
C ASP B 82 -7.14 -31.15 0.43
N CYS B 83 -7.66 -32.28 -0.05
CA CYS B 83 -8.82 -32.24 -0.94
C CYS B 83 -9.48 -33.61 -0.98
N CYS B 84 -10.80 -33.61 -1.05
CA CYS B 84 -11.56 -34.85 -1.12
C CYS B 84 -12.32 -34.92 -2.43
N VAL B 85 -12.10 -36.00 -3.18
CA VAL B 85 -12.75 -36.16 -4.47
C VAL B 85 -13.91 -37.14 -4.28
N LEU B 86 -15.11 -36.73 -4.65
CA LEU B 86 -16.28 -37.58 -4.54
C LEU B 86 -16.66 -38.00 -5.94
N VAL B 87 -16.70 -39.30 -6.18
CA VAL B 87 -17.01 -39.82 -7.50
C VAL B 87 -18.31 -40.61 -7.55
N PHE B 88 -19.10 -40.42 -8.61
CA PHE B 88 -20.32 -41.21 -8.78
C PHE B 88 -20.39 -41.62 -10.24
N ASP B 89 -21.25 -42.59 -10.52
CA ASP B 89 -21.42 -43.13 -11.88
C ASP B 89 -22.69 -42.53 -12.47
N VAL B 90 -22.49 -41.73 -13.50
CA VAL B 90 -23.57 -41.03 -14.19
C VAL B 90 -24.66 -41.96 -14.72
N THR B 91 -24.34 -43.24 -14.88
CA THR B 91 -25.33 -44.21 -15.36
C THR B 91 -25.99 -44.92 -14.19
N ALA B 92 -25.57 -44.63 -12.97
CA ALA B 92 -26.14 -45.30 -11.79
C ALA B 92 -26.57 -44.35 -10.69
N PRO B 93 -27.82 -43.89 -10.72
CA PRO B 93 -28.38 -42.96 -9.72
C PRO B 93 -28.10 -43.33 -8.26
N ASN B 94 -28.04 -44.62 -7.96
CA ASN B 94 -27.74 -45.05 -6.60
C ASN B 94 -26.40 -44.48 -6.10
N THR B 95 -25.41 -44.46 -6.98
CA THR B 95 -24.09 -43.95 -6.61
C THR B 95 -24.07 -42.43 -6.39
N PHE B 96 -25.06 -41.73 -6.93
CA PHE B 96 -25.17 -40.29 -6.77
C PHE B 96 -25.83 -39.97 -5.43
N LYS B 97 -26.82 -40.78 -5.07
CA LYS B 97 -27.55 -40.57 -3.82
C LYS B 97 -26.73 -40.84 -2.56
N THR B 98 -25.59 -41.51 -2.70
CA THR B 98 -24.77 -41.80 -1.54
C THR B 98 -23.73 -40.70 -1.27
N LEU B 99 -23.65 -39.71 -2.16
CA LEU B 99 -22.66 -38.65 -2.00
C LEU B 99 -22.65 -37.95 -0.64
N ASP B 100 -23.82 -37.68 -0.06
CA ASP B 100 -23.84 -37.04 1.24
C ASP B 100 -23.20 -37.92 2.30
N SER B 101 -23.42 -39.23 2.21
CA SER B 101 -22.83 -40.14 3.19
C SER B 101 -21.32 -40.15 3.02
N TRP B 102 -20.84 -40.11 1.78
CA TRP B 102 -19.40 -40.11 1.54
C TRP B 102 -18.79 -38.80 2.03
N ARG B 103 -19.47 -37.70 1.75
CA ARG B 103 -18.99 -36.39 2.18
C ARG B 103 -18.88 -36.38 3.69
N ASP B 104 -19.91 -36.88 4.36
CA ASP B 104 -19.93 -36.90 5.82
C ASP B 104 -18.87 -37.82 6.41
N GLU B 105 -18.60 -38.94 5.74
CA GLU B 105 -17.59 -39.86 6.21
C GLU B 105 -16.23 -39.14 6.14
N PHE B 106 -16.00 -38.38 5.07
CA PHE B 106 -14.74 -37.68 4.96
C PHE B 106 -14.59 -36.67 6.11
N LEU B 107 -15.62 -35.86 6.33
CA LEU B 107 -15.58 -34.86 7.40
C LEU B 107 -15.31 -35.49 8.76
N ILE B 108 -15.97 -36.60 9.03
CA ILE B 108 -15.80 -37.29 10.30
C ILE B 108 -14.38 -37.84 10.48
N GLN B 109 -13.85 -38.50 9.47
CA GLN B 109 -12.52 -39.08 9.55
C GLN B 109 -11.37 -38.07 9.48
N ALA B 110 -11.52 -37.04 8.65
CA ALA B 110 -10.48 -36.05 8.50
C ALA B 110 -10.56 -34.93 9.53
N SER B 111 -11.76 -34.65 10.03
CA SER B 111 -11.98 -33.60 11.02
C SER B 111 -11.35 -32.27 10.61
N PRO B 112 -11.65 -31.79 9.39
CA PRO B 112 -11.08 -30.52 8.94
C PRO B 112 -11.66 -29.35 9.73
N ARG B 113 -10.87 -28.30 9.90
CA ARG B 113 -11.37 -27.13 10.59
C ARG B 113 -12.10 -26.37 9.48
N ASP B 114 -13.17 -25.67 9.81
CA ASP B 114 -13.93 -24.94 8.79
C ASP B 114 -14.41 -25.91 7.70
N PRO B 115 -15.19 -26.93 8.09
CA PRO B 115 -15.75 -27.96 7.21
C PRO B 115 -16.41 -27.45 5.94
N GLU B 116 -17.21 -26.39 6.06
CA GLU B 116 -17.92 -25.84 4.90
C GLU B 116 -17.03 -25.27 3.81
N ASN B 117 -15.79 -24.93 4.14
CA ASN B 117 -14.89 -24.40 3.14
C ASN B 117 -13.80 -25.37 2.72
N PHE B 118 -13.83 -26.59 3.24
CA PHE B 118 -12.82 -27.57 2.85
C PHE B 118 -13.04 -27.93 1.39
N PRO B 119 -11.95 -28.15 0.63
CA PRO B 119 -12.06 -28.49 -0.79
C PRO B 119 -12.62 -29.86 -1.16
N PHE B 120 -13.77 -29.86 -1.81
CA PHE B 120 -14.36 -31.09 -2.31
C PHE B 120 -14.49 -30.88 -3.81
N VAL B 121 -14.34 -31.94 -4.59
CA VAL B 121 -14.51 -31.86 -6.03
C VAL B 121 -15.33 -33.09 -6.42
N VAL B 122 -16.44 -32.86 -7.10
CA VAL B 122 -17.31 -33.96 -7.49
C VAL B 122 -17.09 -34.34 -8.95
N LEU B 123 -16.98 -35.64 -9.21
CA LEU B 123 -16.79 -36.13 -10.57
C LEU B 123 -17.92 -37.09 -10.98
N GLY B 124 -18.64 -36.73 -12.02
CA GLY B 124 -19.71 -37.60 -12.54
C GLY B 124 -19.00 -38.36 -13.65
N ASN B 125 -18.62 -39.60 -13.36
CA ASN B 125 -17.87 -40.43 -14.30
C ASN B 125 -18.69 -41.33 -15.22
N LYS B 126 -18.02 -41.81 -16.27
CA LYS B 126 -18.59 -42.71 -17.27
C LYS B 126 -19.56 -42.03 -18.24
N ILE B 127 -19.28 -40.78 -18.58
CA ILE B 127 -20.13 -40.03 -19.51
C ILE B 127 -20.09 -40.62 -20.93
N ASP B 128 -19.10 -41.47 -21.20
CA ASP B 128 -18.96 -42.10 -22.51
C ASP B 128 -20.01 -43.17 -22.76
N LEU B 129 -20.72 -43.59 -21.71
CA LEU B 129 -21.75 -44.61 -21.87
C LEU B 129 -23.06 -43.94 -22.29
N GLU B 130 -23.80 -44.60 -23.16
CA GLU B 130 -25.06 -44.06 -23.66
C GLU B 130 -26.23 -44.04 -22.69
N ASN B 131 -26.27 -44.98 -21.75
CA ASN B 131 -27.37 -45.06 -20.79
C ASN B 131 -27.25 -44.15 -19.57
N ARG B 132 -26.92 -42.88 -19.81
CA ARG B 132 -26.79 -41.92 -18.71
C ARG B 132 -28.13 -41.80 -17.97
N GLN B 133 -28.07 -41.70 -16.63
CA GLN B 133 -29.30 -41.60 -15.84
C GLN B 133 -29.34 -40.48 -14.81
N VAL B 134 -28.22 -39.80 -14.60
CA VAL B 134 -28.21 -38.69 -13.64
C VAL B 134 -28.03 -37.41 -14.44
N ALA B 135 -29.00 -36.52 -14.34
CA ALA B 135 -28.95 -35.28 -15.08
C ALA B 135 -27.88 -34.33 -14.56
N THR B 136 -27.25 -33.61 -15.48
CA THR B 136 -26.21 -32.65 -15.13
C THR B 136 -26.77 -31.62 -14.17
N LYS B 137 -27.98 -31.14 -14.46
CA LYS B 137 -28.64 -30.12 -13.63
C LYS B 137 -28.84 -30.61 -12.20
N ARG B 138 -29.23 -31.88 -12.04
CA ARG B 138 -29.45 -32.46 -10.73
C ARG B 138 -28.12 -32.51 -9.97
N ALA B 139 -27.07 -32.94 -10.65
CA ALA B 139 -25.75 -33.04 -10.05
C ALA B 139 -25.22 -31.66 -9.66
N GLN B 140 -25.38 -30.68 -10.55
CA GLN B 140 -24.93 -29.32 -10.27
C GLN B 140 -25.67 -28.72 -9.08
N ALA B 141 -26.96 -29.04 -8.94
CA ALA B 141 -27.76 -28.52 -7.84
C ALA B 141 -27.25 -29.04 -6.50
N TRP B 142 -26.91 -30.33 -6.45
CA TRP B 142 -26.41 -30.90 -5.23
C TRP B 142 -25.07 -30.25 -4.88
N CYS B 143 -24.20 -30.10 -5.87
CA CYS B 143 -22.89 -29.50 -5.65
C CYS B 143 -23.05 -28.07 -5.18
N TYR B 144 -24.08 -27.39 -5.68
CA TYR B 144 -24.31 -26.02 -5.27
C TYR B 144 -24.79 -26.01 -3.82
N SER B 145 -25.64 -26.97 -3.46
CA SER B 145 -26.19 -27.07 -2.10
C SER B 145 -25.08 -27.28 -1.08
N LYS B 146 -23.97 -27.83 -1.53
CA LYS B 146 -22.83 -27.98 -0.64
C LYS B 146 -22.37 -26.53 -0.62
N ASN B 147 -21.11 -26.24 -0.36
CA ASN B 147 -20.80 -24.81 -0.38
C ASN B 147 -20.27 -24.47 -1.76
N ASN B 148 -21.09 -24.75 -2.77
CA ASN B 148 -20.73 -24.49 -4.17
C ASN B 148 -19.42 -25.18 -4.56
N ILE B 149 -19.39 -26.50 -4.46
CA ILE B 149 -18.18 -27.24 -4.82
C ILE B 149 -18.13 -27.54 -6.32
N PRO B 150 -16.94 -27.48 -6.93
CA PRO B 150 -16.77 -27.73 -8.35
C PRO B 150 -17.19 -29.14 -8.79
N TYR B 151 -17.82 -29.19 -9.96
CA TYR B 151 -18.32 -30.42 -10.53
C TYR B 151 -17.78 -30.65 -11.95
N PHE B 152 -17.27 -31.85 -12.20
CA PHE B 152 -16.74 -32.21 -13.52
C PHE B 152 -17.37 -33.52 -13.99
N GLU B 153 -17.72 -33.58 -15.26
CA GLU B 153 -18.30 -34.80 -15.83
C GLU B 153 -17.10 -35.40 -16.54
N THR B 154 -16.78 -36.64 -16.22
CA THR B 154 -15.62 -37.29 -16.78
C THR B 154 -15.85 -38.65 -17.41
N SER B 155 -14.80 -39.12 -18.05
CA SER B 155 -14.77 -40.44 -18.66
C SER B 155 -13.34 -40.91 -18.50
N ALA B 156 -13.13 -41.88 -17.64
CA ALA B 156 -11.81 -42.42 -17.41
C ALA B 156 -11.42 -43.25 -18.63
N LYS B 157 -12.42 -43.89 -19.24
CA LYS B 157 -12.18 -44.72 -20.41
C LYS B 157 -11.76 -43.94 -21.65
N GLU B 158 -12.42 -42.81 -21.90
CA GLU B 158 -12.09 -41.99 -23.08
C GLU B 158 -11.17 -40.84 -22.71
N ALA B 159 -10.76 -40.79 -21.44
CA ALA B 159 -9.86 -39.73 -20.98
C ALA B 159 -10.47 -38.36 -21.25
N ILE B 160 -11.73 -38.20 -20.88
CA ILE B 160 -12.42 -36.94 -21.09
C ILE B 160 -12.51 -36.16 -19.79
N ASN B 161 -12.01 -34.93 -19.79
CA ASN B 161 -12.05 -34.06 -18.63
C ASN B 161 -11.26 -34.53 -17.40
N VAL B 162 -10.41 -35.53 -17.56
CA VAL B 162 -9.62 -36.02 -16.43
C VAL B 162 -8.52 -35.05 -16.02
N GLU B 163 -7.73 -34.60 -16.99
CA GLU B 163 -6.65 -33.67 -16.70
C GLU B 163 -7.22 -32.35 -16.18
N GLN B 164 -8.31 -31.90 -16.79
CA GLN B 164 -8.95 -30.66 -16.39
C GLN B 164 -9.45 -30.77 -14.95
N ALA B 165 -10.15 -31.85 -14.64
CA ALA B 165 -10.67 -32.06 -13.29
C ALA B 165 -9.54 -32.09 -12.25
N PHE B 166 -8.49 -32.85 -12.54
CA PHE B 166 -7.38 -32.93 -11.58
C PHE B 166 -6.58 -31.64 -11.46
N GLN B 167 -6.69 -30.76 -12.46
CA GLN B 167 -6.00 -29.47 -12.39
C GLN B 167 -6.65 -28.66 -11.28
N THR B 168 -7.97 -28.72 -11.22
CA THR B 168 -8.71 -27.99 -10.18
C THR B 168 -8.47 -28.65 -8.83
N ILE B 169 -8.43 -29.97 -8.83
CA ILE B 169 -8.20 -30.71 -7.60
C ILE B 169 -6.83 -30.29 -7.04
N ALA B 170 -5.83 -30.25 -7.91
CA ALA B 170 -4.48 -29.86 -7.49
C ALA B 170 -4.43 -28.40 -7.04
N ARG B 171 -5.10 -27.53 -7.77
CA ARG B 171 -5.10 -26.12 -7.42
C ARG B 171 -5.77 -25.90 -6.08
N ASN B 172 -6.93 -26.52 -5.88
CA ASN B 172 -7.65 -26.36 -4.62
C ASN B 172 -6.96 -27.03 -3.45
N ALA B 173 -6.26 -28.13 -3.72
CA ALA B 173 -5.55 -28.83 -2.65
C ALA B 173 -4.38 -27.95 -2.18
N LEU B 174 -3.71 -27.31 -3.13
CA LEU B 174 -2.60 -26.45 -2.82
C LEU B 174 -3.04 -25.29 -1.92
N LYS B 175 -4.17 -24.67 -2.25
CA LYS B 175 -4.71 -23.57 -1.48
C LYS B 175 -4.99 -24.02 -0.05
N GLN B 176 -5.64 -25.17 0.09
CA GLN B 176 -5.96 -25.72 1.41
C GLN B 176 -4.66 -26.00 2.16
N GLU B 177 -3.70 -26.61 1.47
CA GLU B 177 -2.42 -26.97 2.08
C GLU B 177 -1.74 -25.71 2.60
N THR B 178 -1.77 -24.66 1.78
CA THR B 178 -1.17 -23.39 2.14
C THR B 178 -1.84 -22.79 3.37
N GLU B 179 -3.16 -22.77 3.39
CA GLU B 179 -3.90 -22.22 4.52
C GLU B 179 -3.57 -22.96 5.82
N VAL B 180 -3.40 -24.28 5.73
CA VAL B 180 -3.09 -25.09 6.91
C VAL B 180 -1.76 -24.72 7.54
N GLU B 181 -0.68 -24.74 6.75
CA GLU B 181 0.63 -24.40 7.27
C GLU B 181 0.61 -23.00 7.88
N LEU B 182 -0.29 -22.15 7.39
CA LEU B 182 -0.41 -20.80 7.91
C LEU B 182 -1.23 -20.80 9.21
N VAL C 7 29.51 3.08 -9.21
CA VAL C 7 29.56 3.55 -10.62
C VAL C 7 29.78 5.06 -10.71
N LEU C 8 31.03 5.47 -10.96
CA LEU C 8 31.35 6.87 -11.06
C LEU C 8 31.46 7.29 -12.54
N LEU C 9 30.63 8.23 -12.96
CA LEU C 9 30.65 8.69 -14.35
C LEU C 9 31.40 10.00 -14.44
N LYS C 10 32.46 10.05 -15.25
CA LYS C 10 33.25 11.26 -15.41
C LYS C 10 32.83 12.04 -16.65
N VAL C 11 32.37 13.26 -16.43
CA VAL C 11 31.92 14.11 -17.52
C VAL C 11 32.79 15.35 -17.58
N ILE C 12 33.26 15.69 -18.78
CA ILE C 12 34.11 16.87 -18.95
C ILE C 12 33.39 17.93 -19.76
N ILE C 13 33.31 19.14 -19.22
CA ILE C 13 32.67 20.25 -19.93
C ILE C 13 33.72 21.19 -20.50
N LEU C 14 33.68 21.38 -21.81
CA LEU C 14 34.61 22.23 -22.53
C LEU C 14 33.89 23.31 -23.34
N GLY C 15 34.63 24.38 -23.67
CA GLY C 15 34.05 25.48 -24.43
C GLY C 15 34.72 26.80 -24.09
N ASP C 16 34.55 27.80 -24.95
CA ASP C 16 35.16 29.11 -24.74
C ASP C 16 34.74 29.81 -23.47
N SER C 17 35.53 30.80 -23.07
CA SER C 17 35.22 31.56 -21.87
C SER C 17 33.92 32.33 -22.04
N GLY C 18 33.09 32.33 -21.00
CA GLY C 18 31.83 33.07 -21.03
C GLY C 18 30.62 32.39 -21.64
N VAL C 19 30.78 31.19 -22.19
CA VAL C 19 29.63 30.51 -22.79
C VAL C 19 28.64 30.00 -21.75
N GLY C 20 29.09 29.88 -20.51
CA GLY C 20 28.21 29.43 -19.44
C GLY C 20 28.43 28.03 -18.92
N LYS C 21 29.64 27.50 -19.05
CA LYS C 21 29.94 26.15 -18.57
C LYS C 21 29.66 26.04 -17.08
N THR C 22 30.27 26.94 -16.30
CA THR C 22 30.07 26.93 -14.87
C THR C 22 28.61 27.15 -14.46
N SER C 23 27.90 28.02 -15.16
CA SER C 23 26.49 28.28 -14.84
C SER C 23 25.65 27.04 -15.03
N LEU C 24 25.88 26.35 -16.14
CA LEU C 24 25.14 25.13 -16.45
C LEU C 24 25.39 24.06 -15.37
N MET C 25 26.66 23.87 -15.00
CA MET C 25 26.97 22.89 -13.97
C MET C 25 26.31 23.25 -12.64
N ASN C 26 26.41 24.51 -12.23
CA ASN C 26 25.80 24.95 -10.97
C ASN C 26 24.28 24.85 -11.01
N GLN C 27 23.68 25.18 -12.15
CA GLN C 27 22.23 25.10 -12.29
C GLN C 27 21.79 23.64 -12.12
N TYR C 28 22.51 22.74 -12.77
CA TYR C 28 22.21 21.32 -12.72
C TYR C 28 22.47 20.66 -11.36
N VAL C 29 23.60 20.98 -10.75
CA VAL C 29 23.95 20.38 -9.47
C VAL C 29 23.31 21.05 -8.26
N ASN C 30 23.29 22.39 -8.25
CA ASN C 30 22.75 23.14 -7.11
C ASN C 30 21.50 23.98 -7.36
N LYS C 31 20.92 23.91 -8.55
CA LYS C 31 19.73 24.71 -8.86
C LYS C 31 19.99 26.19 -8.57
N LYS C 32 21.20 26.65 -8.85
CA LYS C 32 21.56 28.04 -8.60
C LYS C 32 22.22 28.71 -9.80
N PHE C 33 21.84 29.96 -10.04
CA PHE C 33 22.39 30.75 -11.13
C PHE C 33 22.77 32.12 -10.59
N SER C 34 23.84 32.68 -11.13
CA SER C 34 24.31 33.99 -10.70
C SER C 34 24.74 34.78 -11.93
N ASN C 35 24.23 36.01 -12.06
CA ASN C 35 24.61 36.84 -13.21
C ASN C 35 26.02 37.38 -13.08
N GLN C 36 26.57 37.30 -11.88
CA GLN C 36 27.92 37.79 -11.64
C GLN C 36 28.93 36.78 -12.20
N TYR C 37 29.83 37.26 -13.04
CA TYR C 37 30.84 36.40 -13.65
C TYR C 37 32.11 36.23 -12.82
N LYS C 38 32.48 34.96 -12.61
CA LYS C 38 33.69 34.59 -11.88
C LYS C 38 34.41 33.56 -12.75
N ALA C 39 35.42 34.00 -13.49
CA ALA C 39 36.18 33.12 -14.37
C ALA C 39 36.72 31.89 -13.67
N THR C 40 36.58 30.75 -14.34
CA THR C 40 37.07 29.49 -13.82
C THR C 40 38.56 29.36 -14.05
N ILE C 41 39.29 28.95 -13.02
CA ILE C 41 40.73 28.77 -13.14
C ILE C 41 41.04 27.28 -12.99
N GLY C 42 41.70 26.71 -13.98
CA GLY C 42 42.05 25.30 -13.94
C GLY C 42 40.85 24.42 -14.22
N ALA C 43 40.83 23.26 -13.59
CA ALA C 43 39.74 22.31 -13.76
C ALA C 43 39.49 21.64 -12.42
N ASP C 44 38.22 21.43 -12.12
CA ASP C 44 37.84 20.78 -10.88
C ASP C 44 36.44 20.24 -11.10
N PHE C 45 35.97 19.42 -10.17
CA PHE C 45 34.66 18.81 -10.32
C PHE C 45 33.70 19.00 -9.16
N LEU C 46 32.44 18.73 -9.47
CA LEU C 46 31.34 18.77 -8.53
C LEU C 46 30.68 17.42 -8.75
N THR C 47 30.11 16.86 -7.70
CA THR C 47 29.48 15.55 -7.81
C THR C 47 27.99 15.61 -7.58
N LYS C 48 27.27 14.73 -8.28
CA LYS C 48 25.83 14.65 -8.14
C LYS C 48 25.37 13.22 -8.34
N GLU C 49 24.74 12.66 -7.31
CA GLU C 49 24.24 11.30 -7.42
C GLU C 49 22.93 11.40 -8.19
N VAL C 50 22.77 10.55 -9.20
CA VAL C 50 21.55 10.58 -9.99
C VAL C 50 21.11 9.21 -10.45
N MET C 51 19.87 9.14 -10.92
CA MET C 51 19.31 7.89 -11.40
C MET C 51 19.27 7.88 -12.91
N VAL C 52 20.00 6.95 -13.51
CA VAL C 52 20.04 6.82 -14.95
C VAL C 52 19.17 5.62 -15.29
N ASP C 53 17.97 5.89 -15.79
CA ASP C 53 17.01 4.83 -16.13
C ASP C 53 16.91 3.84 -14.97
N ASP C 54 16.48 4.33 -13.81
CA ASP C 54 16.33 3.52 -12.61
C ASP C 54 17.63 2.86 -12.16
N ARG C 55 18.71 3.60 -12.22
CA ARG C 55 20.03 3.14 -11.81
C ARG C 55 20.84 4.27 -11.17
N LEU C 56 21.33 4.04 -9.97
CA LEU C 56 22.06 5.09 -9.25
C LEU C 56 23.53 5.14 -9.70
N VAL C 57 24.00 6.36 -9.95
CA VAL C 57 25.39 6.57 -10.38
C VAL C 57 25.88 7.90 -9.83
N THR C 58 27.19 8.00 -9.66
CA THR C 58 27.79 9.24 -9.18
C THR C 58 28.35 9.99 -10.37
N MET C 59 27.69 11.10 -10.72
CA MET C 59 28.12 11.95 -11.83
C MET C 59 29.20 12.91 -11.37
N GLN C 60 30.41 12.74 -11.88
CA GLN C 60 31.53 13.62 -11.54
C GLN C 60 31.65 14.59 -12.70
N ILE C 61 31.21 15.81 -12.50
CA ILE C 61 31.21 16.83 -13.53
C ILE C 61 32.38 17.78 -13.43
N TRP C 62 33.26 17.72 -14.43
CA TRP C 62 34.43 18.58 -14.46
C TRP C 62 34.24 19.87 -15.23
N ASP C 63 34.41 20.97 -14.51
CA ASP C 63 34.29 22.31 -15.06
C ASP C 63 35.73 22.73 -15.40
N THR C 64 35.92 23.36 -16.55
CA THR C 64 37.24 23.78 -16.98
C THR C 64 37.38 25.26 -17.32
N ALA C 65 38.61 25.73 -17.41
CA ALA C 65 38.84 27.14 -17.73
C ALA C 65 38.73 27.37 -19.24
N GLY C 66 37.84 28.28 -19.63
CA GLY C 66 37.69 28.56 -21.04
C GLY C 66 38.83 29.42 -21.55
N LEU C 67 39.34 30.30 -20.68
CA LEU C 67 40.46 31.19 -21.02
C LEU C 67 41.77 30.42 -20.92
N GLU C 68 42.53 30.43 -22.02
CA GLU C 68 43.82 29.74 -22.08
C GLU C 68 44.74 30.22 -20.95
N ARG C 69 44.59 31.47 -20.56
CA ARG C 69 45.41 32.04 -19.49
C ARG C 69 45.19 31.36 -18.15
N PHE C 70 43.97 30.86 -17.93
CA PHE C 70 43.67 30.18 -16.68
C PHE C 70 43.66 28.66 -16.80
N GLN C 71 44.06 28.15 -17.96
CA GLN C 71 44.10 26.70 -18.18
C GLN C 71 45.33 26.10 -17.52
N SER C 72 45.11 25.04 -16.75
CA SER C 72 46.19 24.34 -16.07
C SER C 72 46.93 23.41 -17.02
N LEU C 73 48.14 23.01 -16.63
CA LEU C 73 48.93 22.10 -17.45
C LEU C 73 48.56 20.67 -17.09
N GLY C 74 47.99 20.49 -15.89
CA GLY C 74 47.57 19.16 -15.47
C GLY C 74 46.44 18.74 -16.37
N VAL C 75 46.61 17.62 -17.07
CA VAL C 75 45.59 17.14 -17.99
C VAL C 75 45.24 15.67 -17.74
N ALA C 76 45.67 15.14 -16.60
CA ALA C 76 45.42 13.75 -16.25
C ALA C 76 43.94 13.44 -16.00
N PHE C 77 43.15 14.44 -15.64
CA PHE C 77 41.74 14.24 -15.36
C PHE C 77 40.91 13.84 -16.59
N TYR C 78 41.46 14.02 -17.78
CA TYR C 78 40.78 13.68 -19.03
C TYR C 78 40.58 12.20 -19.35
N ARG C 79 41.69 11.49 -19.50
CA ARG C 79 41.75 10.09 -19.89
C ARG C 79 40.63 9.09 -19.58
N GLY C 80 40.07 9.10 -18.37
CA GLY C 80 39.00 8.15 -18.09
C GLY C 80 37.62 8.73 -18.31
N ALA C 81 37.54 9.86 -18.98
CA ALA C 81 36.24 10.52 -19.22
C ALA C 81 35.24 9.60 -19.92
N ASP C 82 33.98 9.70 -19.53
CA ASP C 82 32.90 8.90 -20.10
C ASP C 82 32.04 9.71 -21.08
N CYS C 83 32.15 11.03 -21.02
CA CYS C 83 31.39 11.90 -21.91
C CYS C 83 31.99 13.28 -21.91
N CYS C 84 32.00 13.91 -23.09
CA CYS C 84 32.53 15.25 -23.25
C CYS C 84 31.41 16.21 -23.67
N VAL C 85 31.20 17.25 -22.88
CA VAL C 85 30.16 18.22 -23.17
C VAL C 85 30.82 19.44 -23.81
N LEU C 86 30.36 19.82 -25.00
CA LEU C 86 30.89 20.97 -25.72
C LEU C 86 29.84 22.05 -25.66
N VAL C 87 30.22 23.19 -25.08
CA VAL C 87 29.29 24.31 -24.93
C VAL C 87 29.68 25.53 -25.75
N PHE C 88 28.68 26.18 -26.34
CA PHE C 88 28.94 27.41 -27.09
C PHE C 88 27.82 28.40 -26.74
N ASP C 89 28.04 29.66 -27.06
CA ASP C 89 27.09 30.74 -26.76
C ASP C 89 26.34 31.07 -28.04
N VAL C 90 25.04 30.78 -28.02
CA VAL C 90 24.17 31.01 -29.15
C VAL C 90 24.16 32.45 -29.66
N THR C 91 24.59 33.39 -28.81
CA THR C 91 24.63 34.78 -29.22
C THR C 91 26.03 35.18 -29.70
N ALA C 92 26.97 34.24 -29.65
CA ALA C 92 28.34 34.52 -30.07
C ALA C 92 28.92 33.49 -31.05
N PRO C 93 28.74 33.71 -32.36
CA PRO C 93 29.23 32.81 -33.40
C PRO C 93 30.69 32.36 -33.24
N ASN C 94 31.53 33.21 -32.68
CA ASN C 94 32.93 32.85 -32.48
C ASN C 94 33.05 31.59 -31.61
N THR C 95 32.22 31.50 -30.57
CA THR C 95 32.26 30.35 -29.67
C THR C 95 31.78 29.06 -30.34
N PHE C 96 31.01 29.20 -31.41
CA PHE C 96 30.50 28.03 -32.13
C PHE C 96 31.57 27.51 -33.10
N LYS C 97 32.33 28.44 -33.69
CA LYS C 97 33.37 28.08 -34.64
C LYS C 97 34.57 27.38 -34.02
N THR C 98 34.71 27.47 -32.69
CA THR C 98 35.85 26.83 -32.03
C THR C 98 35.53 25.39 -31.61
N LEU C 99 34.30 24.96 -31.78
CA LEU C 99 33.91 23.60 -31.36
C LEU C 99 34.82 22.49 -31.89
N ASP C 100 35.26 22.57 -33.14
CA ASP C 100 36.13 21.52 -33.66
C ASP C 100 37.44 21.48 -32.89
N SER C 101 37.98 22.64 -32.53
CA SER C 101 39.23 22.68 -31.80
C SER C 101 39.01 22.09 -30.41
N TRP C 102 37.86 22.36 -29.80
CA TRP C 102 37.59 21.81 -28.47
C TRP C 102 37.39 20.29 -28.53
N ARG C 103 36.71 19.83 -29.58
CA ARG C 103 36.49 18.41 -29.77
C ARG C 103 37.84 17.72 -29.93
N ASP C 104 38.70 18.30 -30.76
CA ASP C 104 40.00 17.73 -30.99
C ASP C 104 40.89 17.72 -29.75
N GLU C 105 40.79 18.76 -28.93
CA GLU C 105 41.57 18.82 -27.70
C GLU C 105 41.10 17.69 -26.78
N PHE C 106 39.80 17.44 -26.74
CA PHE C 106 39.34 16.36 -25.89
C PHE C 106 39.91 15.03 -26.39
N LEU C 107 39.78 14.76 -27.68
CA LEU C 107 40.29 13.50 -28.24
C LEU C 107 41.77 13.30 -27.95
N ILE C 108 42.55 14.36 -28.14
CA ILE C 108 43.98 14.29 -27.90
C ILE C 108 44.34 14.02 -26.44
N GLN C 109 43.70 14.73 -25.51
CA GLN C 109 43.98 14.55 -24.08
C GLN C 109 43.40 13.27 -23.48
N ALA C 110 42.21 12.88 -23.90
CA ALA C 110 41.59 11.68 -23.36
C ALA C 110 42.00 10.40 -24.10
N SER C 111 42.39 10.53 -25.36
CA SER C 111 42.81 9.37 -26.17
C SER C 111 41.82 8.21 -26.08
N PRO C 112 40.53 8.48 -26.36
CA PRO C 112 39.53 7.40 -26.29
C PRO C 112 39.72 6.42 -27.43
N ARG C 113 39.38 5.17 -27.20
CA ARG C 113 39.47 4.16 -28.24
C ARG C 113 38.17 4.35 -29.03
N ASP C 114 38.21 4.14 -30.34
CA ASP C 114 37.01 4.33 -31.15
C ASP C 114 36.49 5.77 -30.98
N PRO C 115 37.32 6.76 -31.33
CA PRO C 115 37.02 8.20 -31.24
C PRO C 115 35.66 8.62 -31.82
N GLU C 116 35.34 8.11 -33.00
CA GLU C 116 34.09 8.47 -33.68
C GLU C 116 32.83 8.08 -32.94
N ASN C 117 32.92 7.12 -32.03
CA ASN C 117 31.75 6.71 -31.27
C ASN C 117 31.76 7.16 -29.82
N PHE C 118 32.79 7.91 -29.42
CA PHE C 118 32.83 8.39 -28.05
C PHE C 118 31.70 9.40 -27.85
N PRO C 119 31.07 9.40 -26.66
CA PRO C 119 29.96 10.33 -26.39
C PRO C 119 30.27 11.82 -26.25
N PHE C 120 29.74 12.62 -27.18
CA PHE C 120 29.89 14.06 -27.10
C PHE C 120 28.44 14.57 -27.06
N VAL C 121 28.23 15.66 -26.35
CA VAL C 121 26.90 16.28 -26.28
C VAL C 121 27.16 17.77 -26.43
N VAL C 122 26.51 18.38 -27.40
CA VAL C 122 26.69 19.80 -27.64
C VAL C 122 25.55 20.62 -27.04
N LEU C 123 25.89 21.71 -26.37
CA LEU C 123 24.89 22.58 -25.76
C LEU C 123 25.01 24.01 -26.30
N GLY C 124 23.93 24.50 -26.93
CA GLY C 124 23.91 25.85 -27.42
C GLY C 124 23.23 26.61 -26.29
N ASN C 125 24.03 27.30 -25.49
CA ASN C 125 23.54 28.01 -24.32
C ASN C 125 23.15 29.48 -24.52
N LYS C 126 22.42 29.99 -23.53
CA LYS C 126 21.94 31.38 -23.50
C LYS C 126 20.82 31.69 -24.47
N ILE C 127 19.93 30.72 -24.69
CA ILE C 127 18.81 30.90 -25.60
C ILE C 127 17.82 31.95 -25.08
N ASP C 128 17.93 32.29 -23.80
CA ASP C 128 17.03 33.30 -23.19
C ASP C 128 17.33 34.72 -23.65
N LEU C 129 18.48 34.93 -24.27
CA LEU C 129 18.85 36.25 -24.76
C LEU C 129 18.23 36.48 -26.13
N GLU C 130 17.78 37.71 -26.36
CA GLU C 130 17.14 38.05 -27.63
C GLU C 130 18.05 38.16 -28.84
N ASN C 131 19.31 38.51 -28.64
CA ASN C 131 20.25 38.67 -29.75
C ASN C 131 20.93 37.37 -30.23
N ARG C 132 20.13 36.33 -30.45
CA ARG C 132 20.67 35.06 -30.92
C ARG C 132 21.34 35.23 -32.28
N GLN C 133 22.48 34.60 -32.49
CA GLN C 133 23.20 34.72 -33.76
C GLN C 133 23.61 33.41 -34.44
N VAL C 134 23.46 32.29 -33.75
CA VAL C 134 23.81 31.01 -34.37
C VAL C 134 22.51 30.27 -34.61
N ALA C 135 22.24 29.95 -35.87
CA ALA C 135 21.01 29.27 -36.22
C ALA C 135 21.00 27.82 -35.75
N THR C 136 19.81 27.35 -35.36
CA THR C 136 19.66 25.97 -34.90
C THR C 136 20.06 25.01 -36.00
N LYS C 137 19.64 25.31 -37.23
CA LYS C 137 19.98 24.45 -38.37
C LYS C 137 21.50 24.32 -38.58
N ARG C 138 22.22 25.42 -38.42
CA ARG C 138 23.66 25.42 -38.58
C ARG C 138 24.31 24.55 -37.51
N ALA C 139 23.85 24.71 -36.27
CA ALA C 139 24.37 23.94 -35.15
C ALA C 139 24.08 22.45 -35.35
N GLN C 140 22.85 22.12 -35.72
CA GLN C 140 22.46 20.73 -35.92
C GLN C 140 23.28 20.09 -37.03
N ALA C 141 23.59 20.86 -38.08
CA ALA C 141 24.36 20.35 -39.20
C ALA C 141 25.76 19.97 -38.76
N TRP C 142 26.37 20.80 -37.91
CA TRP C 142 27.71 20.52 -37.43
C TRP C 142 27.69 19.26 -36.59
N CYS C 143 26.70 19.16 -35.69
CA CYS C 143 26.57 18.01 -34.81
C CYS C 143 26.34 16.75 -35.65
N TYR C 144 25.62 16.90 -36.74
CA TYR C 144 25.39 15.75 -37.60
C TYR C 144 26.70 15.34 -38.27
N SER C 145 27.49 16.34 -38.70
CA SER C 145 28.77 16.08 -39.38
C SER C 145 29.73 15.34 -38.48
N LYS C 146 29.52 15.44 -37.17
CA LYS C 146 30.35 14.70 -36.25
C LYS C 146 29.70 13.33 -36.45
N ASN C 147 29.72 12.44 -35.48
CA ASN C 147 29.05 11.18 -35.80
C ASN C 147 27.64 11.23 -35.25
N ASN C 148 26.89 12.25 -35.67
CA ASN C 148 25.52 12.47 -35.23
C ASN C 148 25.42 12.60 -33.71
N ILE C 149 26.12 13.59 -33.15
CA ILE C 149 26.08 13.79 -31.70
C ILE C 149 24.87 14.62 -31.28
N PRO C 150 24.26 14.28 -30.13
CA PRO C 150 23.10 15.02 -29.64
C PRO C 150 23.34 16.48 -29.36
N TYR C 151 22.36 17.31 -29.71
CA TYR C 151 22.42 18.75 -29.54
C TYR C 151 21.24 19.27 -28.72
N PHE C 152 21.54 20.11 -27.73
CA PHE C 152 20.49 20.70 -26.89
C PHE C 152 20.70 22.21 -26.81
N GLU C 153 19.60 22.96 -26.90
CA GLU C 153 19.67 24.41 -26.78
C GLU C 153 19.26 24.65 -25.34
N THR C 154 20.08 25.36 -24.60
CA THR C 154 19.81 25.57 -23.20
C THR C 154 19.87 27.01 -22.73
N SER C 155 19.47 27.18 -21.48
CA SER C 155 19.53 28.45 -20.79
C SER C 155 19.81 28.10 -19.34
N ALA C 156 21.01 28.43 -18.89
CA ALA C 156 21.39 28.17 -17.52
C ALA C 156 20.67 29.17 -16.62
N LYS C 157 20.44 30.36 -17.15
CA LYS C 157 19.76 31.42 -16.41
C LYS C 157 18.29 31.14 -16.16
N GLU C 158 17.58 30.64 -17.18
CA GLU C 158 16.16 30.35 -17.03
C GLU C 158 15.93 28.87 -16.75
N ALA C 159 17.02 28.11 -16.60
CA ALA C 159 16.93 26.69 -16.33
C ALA C 159 16.09 25.99 -17.40
N ILE C 160 16.41 26.27 -18.66
CA ILE C 160 15.69 25.68 -19.77
C ILE C 160 16.52 24.56 -20.39
N ASN C 161 15.93 23.37 -20.47
CA ASN C 161 16.58 22.22 -21.06
C ASN C 161 17.84 21.71 -20.37
N VAL C 162 18.11 22.17 -19.15
CA VAL C 162 19.31 21.73 -18.43
C VAL C 162 19.17 20.29 -17.92
N GLU C 163 18.08 19.99 -17.24
CA GLU C 163 17.87 18.63 -16.72
C GLU C 163 17.78 17.65 -17.88
N GLN C 164 17.05 18.04 -18.92
CA GLN C 164 16.89 17.19 -20.09
C GLN C 164 18.24 16.89 -20.73
N ALA C 165 19.04 17.92 -20.95
CA ALA C 165 20.36 17.76 -21.55
C ALA C 165 21.24 16.84 -20.71
N PHE C 166 21.31 17.08 -19.41
CA PHE C 166 22.14 16.26 -18.54
C PHE C 166 21.63 14.83 -18.39
N GLN C 167 20.36 14.61 -18.70
CA GLN C 167 19.80 13.26 -18.62
C GLN C 167 20.46 12.45 -19.73
N THR C 168 20.60 13.05 -20.90
CA THR C 168 21.22 12.37 -22.04
C THR C 168 22.71 12.22 -21.77
N ILE C 169 23.31 13.26 -21.19
CA ILE C 169 24.72 13.20 -20.87
C ILE C 169 24.97 12.03 -19.92
N ALA C 170 24.14 11.91 -18.90
CA ALA C 170 24.27 10.83 -17.93
C ALA C 170 24.03 9.46 -18.56
N ARG C 171 23.01 9.38 -19.39
CA ARG C 171 22.69 8.12 -20.05
C ARG C 171 23.82 7.67 -20.97
N ASN C 172 24.33 8.60 -21.77
CA ASN C 172 25.40 8.27 -22.70
C ASN C 172 26.73 7.99 -22.00
N ALA C 173 26.95 8.67 -20.88
CA ALA C 173 28.18 8.47 -20.13
C ALA C 173 28.15 7.05 -19.54
N LEU C 174 26.99 6.65 -19.03
CA LEU C 174 26.83 5.32 -18.45
C LEU C 174 27.13 4.24 -19.48
N LYS C 175 26.61 4.40 -20.69
CA LYS C 175 26.81 3.45 -21.77
C LYS C 175 28.31 3.32 -22.07
N GLN C 176 28.98 4.46 -22.19
CA GLN C 176 30.41 4.49 -22.46
C GLN C 176 31.17 3.82 -21.31
N GLU C 177 30.77 4.13 -20.08
CA GLU C 177 31.42 3.57 -18.90
C GLU C 177 31.30 2.06 -18.92
N THR C 178 30.09 1.60 -19.23
CA THR C 178 29.81 0.16 -19.29
C THR C 178 30.67 -0.51 -20.35
N GLU C 179 30.73 0.07 -21.54
CA GLU C 179 31.53 -0.50 -22.61
C GLU C 179 33.00 -0.61 -22.24
N VAL C 180 33.52 0.38 -21.52
CA VAL C 180 34.92 0.39 -21.09
C VAL C 180 35.26 -0.77 -20.16
N GLU C 181 34.52 -0.90 -19.07
CA GLU C 181 34.77 -1.98 -18.13
C GLU C 181 34.69 -3.33 -18.83
N LEU C 182 33.91 -3.39 -19.90
CA LEU C 182 33.76 -4.61 -20.67
C LEU C 182 34.94 -4.80 -21.61
N VAL D 7 19.38 10.30 4.65
CA VAL D 7 17.90 10.56 4.74
C VAL D 7 17.08 9.30 4.45
N LEU D 8 16.63 8.64 5.51
CA LEU D 8 15.82 7.43 5.36
C LEU D 8 14.34 7.73 5.58
N LEU D 9 13.53 7.56 4.54
CA LEU D 9 12.10 7.81 4.63
C LEU D 9 11.34 6.51 4.90
N LYS D 10 10.62 6.47 6.01
CA LYS D 10 9.86 5.27 6.34
C LYS D 10 8.42 5.42 5.87
N VAL D 11 7.98 4.49 5.03
CA VAL D 11 6.62 4.49 4.52
C VAL D 11 5.94 3.20 4.95
N ILE D 12 4.70 3.30 5.45
CA ILE D 12 3.96 2.12 5.88
C ILE D 12 2.75 1.92 4.98
N ILE D 13 2.61 0.72 4.43
CA ILE D 13 1.46 0.42 3.56
C ILE D 13 0.45 -0.43 4.33
N LEU D 14 -0.77 0.06 4.43
CA LEU D 14 -1.85 -0.62 5.15
C LEU D 14 -3.08 -0.84 4.25
N GLY D 15 -3.88 -1.84 4.60
CA GLY D 15 -5.07 -2.13 3.82
C GLY D 15 -5.47 -3.58 3.98
N ASP D 16 -6.72 -3.90 3.64
CA ASP D 16 -7.23 -5.27 3.77
C ASP D 16 -6.47 -6.29 2.92
N SER D 17 -6.63 -7.55 3.29
CA SER D 17 -5.98 -8.63 2.56
C SER D 17 -6.47 -8.71 1.12
N GLY D 18 -5.54 -8.88 0.18
CA GLY D 18 -5.90 -8.99 -1.22
C GLY D 18 -6.05 -7.73 -2.04
N VAL D 19 -5.95 -6.55 -1.40
CA VAL D 19 -6.09 -5.30 -2.15
C VAL D 19 -4.92 -5.03 -3.06
N GLY D 20 -3.80 -5.69 -2.81
CA GLY D 20 -2.64 -5.50 -3.66
C GLY D 20 -1.47 -4.71 -3.10
N LYS D 21 -1.37 -4.61 -1.78
CA LYS D 21 -0.27 -3.89 -1.14
C LYS D 21 1.09 -4.43 -1.58
N THR D 22 1.27 -5.74 -1.47
CA THR D 22 2.55 -6.34 -1.87
C THR D 22 2.82 -6.16 -3.36
N SER D 23 1.79 -6.29 -4.20
CA SER D 23 1.98 -6.14 -5.64
C SER D 23 2.45 -4.73 -5.98
N LEU D 24 1.82 -3.75 -5.34
CA LEU D 24 2.18 -2.35 -5.56
C LEU D 24 3.62 -2.11 -5.18
N MET D 25 4.04 -2.60 -4.01
CA MET D 25 5.41 -2.41 -3.57
C MET D 25 6.41 -3.07 -4.52
N ASN D 26 6.15 -4.31 -4.90
CA ASN D 26 7.05 -5.03 -5.81
C ASN D 26 7.09 -4.37 -7.18
N GLN D 27 5.95 -3.89 -7.66
CA GLN D 27 5.90 -3.22 -8.95
C GLN D 27 6.79 -1.98 -8.91
N TYR D 28 6.65 -1.20 -7.85
CA TYR D 28 7.43 0.02 -7.66
C TYR D 28 8.92 -0.21 -7.40
N VAL D 29 9.24 -1.18 -6.57
CA VAL D 29 10.64 -1.45 -6.23
C VAL D 29 11.37 -2.34 -7.24
N ASN D 30 10.69 -3.37 -7.72
CA ASN D 30 11.33 -4.31 -8.65
C ASN D 30 10.73 -4.42 -10.05
N LYS D 31 9.75 -3.58 -10.38
CA LYS D 31 9.13 -3.62 -11.70
C LYS D 31 8.63 -5.04 -12.00
N LYS D 32 8.12 -5.71 -10.97
CA LYS D 32 7.64 -7.07 -11.14
C LYS D 32 6.26 -7.29 -10.56
N PHE D 33 5.43 -8.04 -11.30
CA PHE D 33 4.08 -8.37 -10.87
C PHE D 33 3.84 -9.86 -11.04
N SER D 34 3.05 -10.43 -10.13
CA SER D 34 2.73 -11.85 -10.20
C SER D 34 1.27 -12.07 -9.86
N ASN D 35 0.55 -12.80 -10.72
CA ASN D 35 -0.86 -13.06 -10.48
C ASN D 35 -1.03 -14.07 -9.35
N GLN D 36 0.04 -14.77 -9.00
CA GLN D 36 0.00 -15.76 -7.93
C GLN D 36 -0.02 -15.06 -6.58
N TYR D 37 -1.01 -15.38 -5.76
CA TYR D 37 -1.15 -14.76 -4.45
C TYR D 37 -0.36 -15.47 -3.35
N LYS D 38 0.42 -14.68 -2.61
CA LYS D 38 1.21 -15.19 -1.50
C LYS D 38 0.95 -14.22 -0.34
N ALA D 39 0.11 -14.63 0.60
CA ALA D 39 -0.25 -13.80 1.75
C ALA D 39 0.96 -13.29 2.52
N THR D 40 0.92 -12.03 2.90
CA THR D 40 2.00 -11.43 3.66
C THR D 40 1.81 -11.76 5.14
N ILE D 41 2.88 -12.20 5.78
CA ILE D 41 2.83 -12.52 7.20
C ILE D 41 3.68 -11.52 7.96
N GLY D 42 3.07 -10.82 8.90
CA GLY D 42 3.80 -9.84 9.69
C GLY D 42 4.04 -8.55 8.92
N ALA D 43 5.20 -7.95 9.15
CA ALA D 43 5.56 -6.71 8.49
C ALA D 43 7.06 -6.71 8.28
N ASP D 44 7.48 -6.22 7.12
CA ASP D 44 8.89 -6.15 6.79
C ASP D 44 9.01 -5.09 5.72
N PHE D 45 10.24 -4.69 5.41
CA PHE D 45 10.45 -3.64 4.43
C PHE D 45 11.39 -3.97 3.28
N LEU D 46 11.25 -3.18 2.22
CA LEU D 46 12.09 -3.28 1.05
C LEU D 46 12.60 -1.85 0.93
N THR D 47 13.80 -1.68 0.40
CA THR D 47 14.37 -0.34 0.26
C THR D 47 14.56 0.05 -1.19
N LYS D 48 14.42 1.33 -1.47
CA LYS D 48 14.60 1.85 -2.81
C LYS D 48 15.16 3.26 -2.73
N GLU D 49 16.34 3.46 -3.29
CA GLU D 49 16.95 4.78 -3.30
C GLU D 49 16.27 5.55 -4.42
N VAL D 50 15.81 6.75 -4.12
CA VAL D 50 15.14 7.54 -5.14
C VAL D 50 15.46 9.04 -5.03
N MET D 51 15.12 9.77 -6.08
CA MET D 51 15.35 11.21 -6.11
C MET D 51 14.03 11.93 -5.90
N VAL D 52 13.97 12.71 -4.82
CA VAL D 52 12.78 13.48 -4.50
C VAL D 52 13.12 14.92 -4.85
N ASP D 53 12.60 15.38 -5.99
CA ASP D 53 12.85 16.74 -6.46
C ASP D 53 14.35 17.03 -6.40
N ASP D 54 15.11 16.24 -7.17
CA ASP D 54 16.56 16.38 -7.24
C ASP D 54 17.25 16.22 -5.87
N ARG D 55 16.80 15.27 -5.10
CA ARG D 55 17.36 14.95 -3.79
C ARG D 55 17.33 13.46 -3.53
N LEU D 56 18.46 12.87 -3.19
CA LEU D 56 18.52 11.43 -2.98
C LEU D 56 18.08 11.05 -1.57
N VAL D 57 17.23 10.03 -1.50
CA VAL D 57 16.74 9.54 -0.21
C VAL D 57 16.55 8.04 -0.27
N THR D 58 16.59 7.40 0.89
CA THR D 58 16.39 5.96 0.97
C THR D 58 14.96 5.71 1.44
N MET D 59 14.12 5.24 0.52
CA MET D 59 12.73 4.94 0.83
C MET D 59 12.62 3.55 1.45
N GLN D 60 12.24 3.50 2.73
CA GLN D 60 12.07 2.22 3.42
C GLN D 60 10.57 1.92 3.38
N ILE D 61 10.17 1.02 2.48
CA ILE D 61 8.76 0.70 2.32
C ILE D 61 8.34 -0.54 3.08
N TRP D 62 7.47 -0.34 4.07
CA TRP D 62 6.98 -1.44 4.89
C TRP D 62 5.67 -2.05 4.38
N ASP D 63 5.74 -3.33 4.06
CA ASP D 63 4.59 -4.09 3.60
C ASP D 63 4.07 -4.79 4.85
N THR D 64 2.75 -4.82 5.03
CA THR D 64 2.15 -5.43 6.21
C THR D 64 1.10 -6.50 5.87
N ALA D 65 0.73 -7.28 6.88
CA ALA D 65 -0.28 -8.33 6.70
C ALA D 65 -1.68 -7.75 6.73
N GLY D 66 -2.45 -8.02 5.70
CA GLY D 66 -3.82 -7.52 5.67
C GLY D 66 -4.70 -8.39 6.55
N LEU D 67 -4.40 -9.68 6.61
CA LEU D 67 -5.16 -10.63 7.42
C LEU D 67 -4.76 -10.51 8.89
N GLU D 68 -5.74 -10.33 9.76
CA GLU D 68 -5.48 -10.21 11.19
C GLU D 68 -4.76 -11.45 11.72
N ARG D 69 -5.05 -12.60 11.11
CA ARG D 69 -4.43 -13.86 11.52
C ARG D 69 -2.92 -13.85 11.33
N PHE D 70 -2.44 -13.14 10.30
CA PHE D 70 -1.01 -13.06 10.05
C PHE D 70 -0.37 -11.78 10.55
N GLN D 71 -1.13 -10.98 11.29
CA GLN D 71 -0.59 -9.73 11.82
C GLN D 71 0.26 -9.99 13.05
N SER D 72 1.46 -9.43 13.07
CA SER D 72 2.38 -9.59 14.18
C SER D 72 2.00 -8.67 15.33
N LEU D 73 2.50 -9.00 16.53
CA LEU D 73 2.23 -8.18 17.71
C LEU D 73 3.26 -7.06 17.77
N GLY D 74 4.39 -7.27 17.10
CA GLY D 74 5.44 -6.26 17.07
C GLY D 74 4.89 -5.08 16.30
N VAL D 75 4.83 -3.93 16.94
CA VAL D 75 4.29 -2.72 16.32
C VAL D 75 5.24 -1.53 16.44
N ALA D 76 6.48 -1.79 16.85
CA ALA D 76 7.47 -0.73 17.01
C ALA D 76 7.84 -0.03 15.71
N PHE D 77 7.74 -0.74 14.60
CA PHE D 77 8.11 -0.18 13.31
C PHE D 77 7.28 1.03 12.88
N TYR D 78 6.12 1.22 13.51
CA TYR D 78 5.23 2.33 13.16
C TYR D 78 5.70 3.75 13.53
N ARG D 79 5.93 3.93 14.83
CA ARG D 79 6.30 5.22 15.40
C ARG D 79 7.11 6.26 14.63
N GLY D 80 8.13 5.86 13.90
CA GLY D 80 8.90 6.87 13.19
C GLY D 80 8.45 7.09 11.75
N ALA D 81 7.32 6.52 11.39
CA ALA D 81 6.81 6.62 10.03
C ALA D 81 6.69 8.05 9.50
N ASP D 82 7.04 8.23 8.21
CA ASP D 82 6.97 9.54 7.56
C ASP D 82 5.75 9.66 6.65
N CYS D 83 5.15 8.52 6.31
CA CYS D 83 3.95 8.53 5.46
C CYS D 83 3.22 7.22 5.58
N CYS D 84 1.88 7.27 5.57
CA CYS D 84 1.10 6.05 5.65
C CYS D 84 0.29 5.90 4.36
N VAL D 85 0.44 4.77 3.70
CA VAL D 85 -0.27 4.51 2.46
C VAL D 85 -1.46 3.58 2.76
N LEU D 86 -2.66 4.04 2.41
CA LEU D 86 -3.87 3.24 2.64
C LEU D 86 -4.31 2.72 1.29
N VAL D 87 -4.44 1.41 1.18
CA VAL D 87 -4.83 0.79 -0.07
C VAL D 87 -6.16 0.07 0.00
N PHE D 88 -6.97 0.21 -1.05
CA PHE D 88 -8.23 -0.51 -1.10
C PHE D 88 -8.40 -1.06 -2.52
N ASP D 89 -9.32 -2.01 -2.68
CA ASP D 89 -9.57 -2.67 -3.95
C ASP D 89 -10.84 -2.06 -4.55
N VAL D 90 -10.65 -1.35 -5.66
CA VAL D 90 -11.72 -0.68 -6.36
C VAL D 90 -12.87 -1.61 -6.75
N THR D 91 -12.61 -2.92 -6.80
CA THR D 91 -13.65 -3.88 -7.16
C THR D 91 -14.30 -4.48 -5.92
N ALA D 92 -13.83 -4.07 -4.73
CA ALA D 92 -14.37 -4.61 -3.48
C ALA D 92 -14.71 -3.55 -2.45
N PRO D 93 -15.94 -3.03 -2.48
CA PRO D 93 -16.40 -1.98 -1.55
C PRO D 93 -16.07 -2.24 -0.09
N ASN D 94 -16.05 -3.51 0.32
CA ASN D 94 -15.72 -3.82 1.71
C ASN D 94 -14.35 -3.27 2.12
N THR D 95 -13.39 -3.37 1.20
CA THR D 95 -12.04 -2.90 1.49
C THR D 95 -11.97 -1.38 1.55
N PHE D 96 -12.94 -0.70 0.97
CA PHE D 96 -12.97 0.77 1.01
C PHE D 96 -13.56 1.25 2.34
N LYS D 97 -14.56 0.52 2.83
CA LYS D 97 -15.22 0.87 4.08
C LYS D 97 -14.35 0.67 5.31
N THR D 98 -13.24 -0.05 5.17
CA THR D 98 -12.38 -0.27 6.33
C THR D 98 -11.28 0.79 6.46
N LEU D 99 -11.21 1.69 5.49
CA LEU D 99 -10.18 2.71 5.51
C LEU D 99 -10.08 3.52 6.80
N ASP D 100 -11.21 3.90 7.38
CA ASP D 100 -11.15 4.65 8.62
C ASP D 100 -10.50 3.84 9.73
N SER D 101 -10.79 2.54 9.78
CA SER D 101 -10.20 1.71 10.81
C SER D 101 -8.69 1.61 10.58
N TRP D 102 -8.28 1.51 9.32
CA TRP D 102 -6.85 1.43 9.02
C TRP D 102 -6.14 2.75 9.37
N ARG D 103 -6.79 3.86 9.04
CA ARG D 103 -6.24 5.17 9.34
C ARG D 103 -6.08 5.34 10.85
N ASP D 104 -7.11 4.93 11.60
CA ASP D 104 -7.06 5.04 13.05
C ASP D 104 -6.02 4.14 13.66
N GLU D 105 -5.86 2.94 13.11
CA GLU D 105 -4.86 2.01 13.62
C GLU D 105 -3.48 2.64 13.44
N PHE D 106 -3.26 3.28 12.29
CA PHE D 106 -1.97 3.92 12.06
C PHE D 106 -1.74 5.00 13.11
N LEU D 107 -2.70 5.91 13.27
CA LEU D 107 -2.56 6.99 14.23
C LEU D 107 -2.26 6.49 15.64
N ILE D 108 -2.97 5.46 16.07
CA ILE D 108 -2.78 4.87 17.38
C ILE D 108 -1.38 4.26 17.55
N GLN D 109 -0.92 3.48 16.59
CA GLN D 109 0.39 2.83 16.67
C GLN D 109 1.58 3.77 16.46
N ALA D 110 1.43 4.75 15.58
CA ALA D 110 2.52 5.68 15.30
C ALA D 110 2.52 6.90 16.23
N SER D 111 1.35 7.24 16.76
CA SER D 111 1.21 8.38 17.66
C SER D 111 1.89 9.63 17.11
N PRO D 112 1.57 10.01 15.87
CA PRO D 112 2.19 11.20 15.29
C PRO D 112 1.70 12.44 16.01
N ARG D 113 2.51 13.49 16.02
CA ARG D 113 2.10 14.76 16.62
C ARG D 113 1.34 15.43 15.48
N ASP D 114 0.33 16.25 15.80
CA ASP D 114 -0.43 16.91 14.73
C ASP D 114 -0.99 15.87 13.76
N PRO D 115 -1.80 14.93 14.27
CA PRO D 115 -2.43 13.85 13.50
C PRO D 115 -3.10 14.30 12.21
N GLU D 116 -3.88 15.38 12.28
CA GLU D 116 -4.61 15.87 11.11
C GLU D 116 -3.74 16.27 9.94
N ASN D 117 -2.47 16.57 10.19
CA ASN D 117 -1.59 16.96 9.10
C ASN D 117 -0.56 15.89 8.73
N PHE D 118 -0.63 14.73 9.37
CA PHE D 118 0.32 13.67 9.04
C PHE D 118 0.02 13.19 7.60
N PRO D 119 1.05 12.89 6.81
CA PRO D 119 0.85 12.45 5.44
C PRO D 119 0.22 11.08 5.21
N PHE D 120 -0.97 11.07 4.62
CA PHE D 120 -1.62 9.82 4.23
C PHE D 120 -1.79 9.93 2.73
N VAL D 121 -1.73 8.79 2.04
CA VAL D 121 -1.93 8.75 0.60
C VAL D 121 -2.81 7.52 0.36
N VAL D 122 -3.92 7.72 -0.32
CA VAL D 122 -4.86 6.65 -0.59
C VAL D 122 -4.71 6.12 -2.02
N LEU D 123 -4.69 4.80 -2.17
CA LEU D 123 -4.57 4.19 -3.48
C LEU D 123 -5.77 3.26 -3.75
N GLY D 124 -6.52 3.55 -4.80
CA GLY D 124 -7.63 2.71 -5.20
C GLY D 124 -7.01 1.82 -6.25
N ASN D 125 -6.68 0.58 -5.87
CA ASN D 125 -6.00 -0.36 -6.75
C ASN D 125 -6.90 -1.30 -7.55
N LYS D 126 -6.30 -1.92 -8.57
CA LYS D 126 -6.96 -2.88 -9.47
C LYS D 126 -7.92 -2.24 -10.44
N ILE D 127 -7.58 -1.04 -10.92
CA ILE D 127 -8.45 -0.33 -11.87
C ILE D 127 -8.51 -1.04 -13.23
N ASP D 128 -7.58 -1.95 -13.48
CA ASP D 128 -7.54 -2.70 -14.74
C ASP D 128 -8.67 -3.72 -14.86
N LEU D 129 -9.30 -4.05 -13.75
CA LEU D 129 -10.39 -5.02 -13.77
C LEU D 129 -11.68 -4.34 -14.22
N GLU D 130 -12.50 -5.05 -14.99
CA GLU D 130 -13.74 -4.48 -15.49
C GLU D 130 -14.87 -4.32 -14.48
N ASN D 131 -14.90 -5.17 -13.46
CA ASN D 131 -15.95 -5.12 -12.45
C ASN D 131 -15.71 -4.12 -11.32
N ARG D 132 -15.38 -2.87 -11.67
CA ARG D 132 -15.16 -1.84 -10.66
C ARG D 132 -16.46 -1.60 -9.89
N GLN D 133 -16.35 -1.36 -8.58
CA GLN D 133 -17.53 -1.12 -7.77
C GLN D 133 -17.50 0.11 -6.86
N VAL D 134 -16.33 0.72 -6.70
CA VAL D 134 -16.22 1.91 -5.87
C VAL D 134 -15.99 3.10 -6.79
N ALA D 135 -16.93 4.04 -6.77
CA ALA D 135 -16.86 5.21 -7.61
C ALA D 135 -15.73 6.16 -7.21
N THR D 136 -15.10 6.77 -8.21
CA THR D 136 -14.01 7.72 -7.96
C THR D 136 -14.50 8.85 -7.05
N LYS D 137 -15.69 9.38 -7.35
CA LYS D 137 -16.27 10.47 -6.56
C LYS D 137 -16.42 10.11 -5.09
N ARG D 138 -16.86 8.88 -4.82
CA ARG D 138 -17.04 8.41 -3.45
C ARG D 138 -15.68 8.37 -2.74
N ALA D 139 -14.68 7.84 -3.42
CA ALA D 139 -13.33 7.74 -2.85
C ALA D 139 -12.73 9.13 -2.61
N GLN D 140 -12.92 10.05 -3.56
CA GLN D 140 -12.39 11.41 -3.41
C GLN D 140 -13.07 12.14 -2.27
N ALA D 141 -14.36 11.87 -2.06
CA ALA D 141 -15.10 12.51 -0.99
C ALA D 141 -14.54 12.10 0.36
N TRP D 142 -14.28 10.80 0.52
CA TRP D 142 -13.72 10.32 1.78
C TRP D 142 -12.34 10.96 2.01
N CYS D 143 -11.52 10.95 0.98
CA CYS D 143 -10.17 11.52 1.08
C CYS D 143 -10.26 12.99 1.45
N TYR D 144 -11.25 13.68 0.90
CA TYR D 144 -11.42 15.09 1.21
C TYR D 144 -11.82 15.25 2.67
N SER D 145 -12.73 14.39 3.14
CA SER D 145 -13.22 14.43 4.52
C SER D 145 -12.10 14.26 5.51
N LYS D 146 -11.02 13.61 5.07
CA LYS D 146 -9.87 13.48 5.94
C LYS D 146 -9.36 14.90 5.82
N ASN D 147 -8.07 15.16 5.99
CA ASN D 147 -7.70 16.56 5.84
C ASN D 147 -7.18 16.75 4.43
N ASN D 148 -8.04 16.43 3.46
CA ASN D 148 -7.72 16.53 2.04
C ASN D 148 -6.46 15.74 1.67
N ILE D 149 -6.49 14.43 1.88
CA ILE D 149 -5.33 13.61 1.55
C ILE D 149 -5.38 13.17 0.08
N PRO D 150 -4.21 13.15 -0.58
CA PRO D 150 -4.11 12.75 -2.00
C PRO D 150 -4.62 11.35 -2.30
N TYR D 151 -5.29 11.23 -3.43
CA TYR D 151 -5.87 9.98 -3.89
C TYR D 151 -5.41 9.59 -5.28
N PHE D 152 -4.95 8.34 -5.43
CA PHE D 152 -4.50 7.85 -6.73
C PHE D 152 -5.21 6.53 -7.05
N GLU D 153 -5.61 6.37 -8.31
CA GLU D 153 -6.25 5.14 -8.74
C GLU D 153 -5.12 4.41 -9.44
N THR D 154 -4.84 3.19 -9.01
CA THR D 154 -3.72 2.44 -9.58
C THR D 154 -4.05 1.05 -10.07
N SER D 155 -3.04 0.46 -10.71
CA SER D 155 -3.08 -0.91 -11.20
C SER D 155 -1.66 -1.43 -11.07
N ALA D 156 -1.46 -2.31 -10.10
CA ALA D 156 -0.14 -2.90 -9.88
C ALA D 156 0.15 -3.85 -11.05
N LYS D 157 -0.90 -4.49 -11.56
CA LYS D 157 -0.77 -5.44 -12.65
C LYS D 157 -0.38 -4.79 -13.97
N GLU D 158 -1.00 -3.66 -14.30
CA GLU D 158 -0.70 -2.96 -15.55
C GLU D 158 0.30 -1.83 -15.32
N ALA D 159 0.79 -1.70 -14.09
CA ALA D 159 1.74 -0.64 -13.76
C ALA D 159 1.18 0.72 -14.14
N ILE D 160 -0.06 0.97 -13.73
CA ILE D 160 -0.72 2.25 -14.00
C ILE D 160 -0.74 3.13 -12.77
N ASN D 161 -0.15 4.33 -12.92
CA ASN D 161 -0.11 5.31 -11.84
C ASN D 161 0.72 4.93 -10.61
N VAL D 162 1.51 3.86 -10.71
CA VAL D 162 2.32 3.45 -9.58
C VAL D 162 3.47 4.41 -9.31
N GLU D 163 4.27 4.71 -10.33
CA GLU D 163 5.39 5.63 -10.15
C GLU D 163 4.90 7.01 -9.73
N GLN D 164 3.80 7.45 -10.34
CA GLN D 164 3.22 8.74 -10.03
C GLN D 164 2.79 8.80 -8.56
N ALA D 165 2.06 7.78 -8.13
CA ALA D 165 1.59 7.73 -6.74
C ALA D 165 2.76 7.75 -5.76
N PHE D 166 3.77 6.91 -5.99
CA PHE D 166 4.90 6.87 -5.09
C PHE D 166 5.76 8.13 -5.13
N GLN D 167 5.63 8.92 -6.20
CA GLN D 167 6.38 10.16 -6.27
C GLN D 167 5.82 11.10 -5.20
N THR D 168 4.49 11.12 -5.08
CA THR D 168 3.84 11.96 -4.09
C THR D 168 4.12 11.40 -2.71
N ILE D 169 4.07 10.09 -2.59
CA ILE D 169 4.34 9.45 -1.32
C ILE D 169 5.74 9.84 -0.85
N ALA D 170 6.71 9.75 -1.75
CA ALA D 170 8.08 10.10 -1.42
C ALA D 170 8.24 11.59 -1.09
N ARG D 171 7.57 12.43 -1.86
CA ARG D 171 7.65 13.86 -1.64
C ARG D 171 7.05 14.23 -0.28
N ASN D 172 5.85 13.73 0.00
CA ASN D 172 5.21 14.04 1.27
C ASN D 172 5.92 13.40 2.46
N ALA D 173 6.55 12.26 2.25
CA ALA D 173 7.27 11.62 3.34
C ALA D 173 8.47 12.50 3.69
N LEU D 174 9.16 12.99 2.66
CA LEU D 174 10.32 13.85 2.87
C LEU D 174 9.95 15.08 3.69
N LYS D 175 8.83 15.71 3.32
CA LYS D 175 8.36 16.90 4.03
C LYS D 175 8.15 16.58 5.49
N GLN D 176 7.46 15.48 5.75
CA GLN D 176 7.19 15.06 7.12
C GLN D 176 8.49 14.78 7.86
N GLU D 177 9.40 14.08 7.21
CA GLU D 177 10.69 13.75 7.79
C GLU D 177 11.41 15.03 8.19
N THR D 178 11.46 15.98 7.26
CA THR D 178 12.11 17.26 7.49
C THR D 178 11.50 17.97 8.69
N GLU D 179 10.17 18.06 8.74
CA GLU D 179 9.50 18.72 9.85
C GLU D 179 9.83 18.10 11.21
N VAL D 180 9.97 16.78 11.23
CA VAL D 180 10.28 16.06 12.46
C VAL D 180 11.66 16.44 13.01
N GLU D 181 12.69 16.30 12.18
CA GLU D 181 14.04 16.63 12.62
C GLU D 181 14.10 18.07 13.09
N LEU D 182 13.21 18.91 12.57
CA LEU D 182 13.17 20.32 12.96
C LEU D 182 12.41 20.45 14.29
MG MG E . -12.44 24.24 31.95
PG GTP F . -11.04 25.55 29.43
O1G GTP F . -11.00 25.04 30.79
O2G GTP F . -10.81 24.51 28.38
O3G GTP F . -10.02 26.71 29.31
O3B GTP F . -12.58 26.27 29.08
PB GTP F . -13.96 25.31 29.30
O1B GTP F . -14.28 24.53 28.07
O2B GTP F . -13.97 24.63 30.62
O3A GTP F . -15.08 26.45 29.38
PA GTP F . -15.87 27.03 30.67
O1A GTP F . -16.82 25.97 31.30
O2A GTP F . -14.86 27.59 31.66
O5' GTP F . -16.81 28.19 29.94
C5' GTP F . -16.24 29.04 29.02
C4' GTP F . -17.22 30.26 28.78
O4' GTP F . -18.24 29.73 28.10
C3' GTP F . -17.41 30.88 29.90
O3' GTP F . -17.56 32.29 29.48
C2' GTP F . -18.75 30.26 30.21
O2' GTP F . -19.63 31.13 31.07
C1' GTP F . -19.21 30.30 28.98
N9 GTP F . -20.42 29.14 28.91
C8 GTP F . -20.31 27.86 29.41
N7 GTP F . -21.40 27.16 29.21
C5 GTP F . -22.27 28.01 28.56
C6 GTP F . -23.59 27.81 28.09
O6 GTP F . -24.28 26.78 28.18
N1 GTP F . -24.13 28.94 27.48
C2 GTP F . -23.45 30.13 27.34
N2 GTP F . -24.10 31.13 26.72
N3 GTP F . -22.21 30.34 27.76
C4 GTP F . -21.68 29.25 28.36
MG MG G . -11.01 -49.40 -7.07
PG GTP H . -13.92 -50.23 -6.12
O1G GTP H . -12.47 -50.36 -6.06
O2G GTP H . -14.48 -49.18 -5.22
O3G GTP H . -14.53 -51.63 -5.82
O3B GTP H . -14.44 -49.85 -7.72
PB GTP H . -13.79 -48.47 -8.45
O1B GTP H . -14.59 -47.26 -8.12
O2B GTP H . -12.30 -48.41 -8.34
O3A GTP H . -14.11 -48.78 -9.98
PA GTP H . -13.11 -49.28 -11.15
O1A GTP H . -12.05 -48.19 -11.55
O2A GTP H . -12.47 -50.61 -10.76
O5' GTP H . -14.18 -49.41 -12.42
C5' GTP H . -15.38 -50.04 -12.22
C4' GTP H . -16.04 -50.37 -13.61
O4' GTP H . -16.40 -49.18 -14.10
C3' GTP H . -15.25 -51.15 -14.29
O3' GTP H . -16.18 -52.01 -15.04
C2' GTP H . -14.64 -50.07 -15.15
O2' GTP H . -14.16 -50.60 -16.49
C1' GTP H . -15.77 -49.43 -15.36
N9 GTP H . -15.32 -47.86 -15.78
C8 GTP H . -14.36 -47.12 -15.13
N7 GTP H . -14.21 -45.94 -15.68
C5 GTP H . -15.10 -45.90 -16.73
C6 GTP H . -15.38 -44.88 -17.67
O6 GTP H . -14.86 -43.75 -17.75
N1 GTP H . -16.36 -45.23 -18.59
C2 GTP H . -17.00 -46.46 -18.58
N2 GTP H . -17.92 -46.66 -19.53
N3 GTP H . -16.75 -47.43 -17.71
C4 GTP H . -15.80 -47.08 -16.82
MG MG I . 33.73 28.97 -15.63
PG GTP J . 35.09 30.54 -18.04
O1G GTP J . 35.13 29.97 -16.70
O2G GTP J . 35.45 29.59 -19.13
O3G GTP J . 36.01 31.79 -18.05
O3B GTP J . 33.51 31.15 -18.39
PB GTP J . 32.20 30.08 -18.27
O1B GTP J . 31.99 29.34 -19.55
O2B GTP J . 32.21 29.32 -16.99
O3A GTP J . 30.99 31.11 -18.17
PA GTP J . 30.13 31.54 -16.87
O1A GTP J . 29.25 30.37 -16.32
O2A GTP J . 31.05 32.14 -15.81
O5' GTP J . 29.11 32.66 -17.56
C5' GTP J . 29.63 33.61 -18.41
C4' GTP J . 28.56 34.75 -18.63
O4' GTP J . 27.60 34.18 -19.36
C3' GTP J . 28.27 35.29 -17.48
O3' GTP J . 28.03 36.71 -17.82
C2' GTP J . 26.99 34.53 -17.24
O2' GTP J . 26.01 35.29 -16.37
C1' GTP J . 26.56 34.62 -18.48
N9 GTP J . 25.46 33.36 -18.66
C8 GTP J . 25.67 32.07 -18.23
N7 GTP J . 24.65 31.29 -18.50
C5 GTP J . 23.72 32.12 -19.13
C6 GTP J . 22.43 31.82 -19.65
O6 GTP J . 21.84 30.73 -19.65
N1 GTP J . 21.81 32.94 -20.23
C2 GTP J . 22.40 34.18 -20.28
N2 GTP J . 21.69 35.15 -20.86
N3 GTP J . 23.61 34.47 -19.80
C4 GTP J . 24.20 33.39 -19.24
MG MG K . 0.75 -8.98 1.03
PG GTP L . -2.16 -9.59 2.14
O1G GTP L . -0.72 -9.78 2.16
O2G GTP L . -2.64 -8.44 2.97
O3G GTP L . -2.83 -10.93 2.58
O3B GTP L . -2.72 -9.33 0.53
PB GTP L . -2.04 -8.04 -0.34
O1B GTP L . -2.78 -6.76 -0.09
O2B GTP L . -0.56 -8.05 -0.29
O3A GTP L . -2.44 -8.47 -1.82
PA GTP L . -1.51 -9.12 -2.98
O1A GTP L . -0.42 -8.12 -3.51
O2A GTP L . -0.91 -10.44 -2.49
O5' GTP L . -2.64 -9.31 -4.20
C5' GTP L . -3.87 -9.85 -3.89
C4' GTP L . -4.58 -10.27 -5.23
O4' GTP L . -4.91 -9.12 -5.81
C3' GTP L . -3.85 -11.15 -5.86
O3' GTP L . -4.85 -12.03 -6.50
C2' GTP L . -3.23 -10.18 -6.83
O2' GTP L . -2.83 -10.84 -8.14
C1' GTP L . -4.34 -9.49 -7.07
N9 GTP L . -3.84 -8.00 -7.65
C8 GTP L . -2.82 -7.25 -7.08
N7 GTP L . -2.64 -6.13 -7.74
C5 GTP L . -3.57 -6.14 -8.76
C6 GTP L . -3.84 -5.19 -9.79
O6 GTP L . -3.27 -4.11 -9.98
N1 GTP L . -4.86 -5.58 -10.63
C2 GTP L . -5.55 -6.76 -10.49
N2 GTP L . -6.52 -7.01 -11.39
N3 GTP L . -5.32 -7.67 -9.54
C4 GTP L . -4.31 -7.29 -8.72
#